data_8B9K
#
_entry.id   8B9K
#
_cell.length_a   1.00
_cell.length_b   1.00
_cell.length_c   1.00
_cell.angle_alpha   90.00
_cell.angle_beta   90.00
_cell.angle_gamma   90.00
#
_symmetry.space_group_name_H-M   'P 1'
#
loop_
_entity.id
_entity.type
_entity.pdbx_description
1 polymer 'Dosage compensation regulator'
2 polymer SL7modUUC
3 non-polymer "ADENOSINE-5'-DIPHOSPHATE"
4 non-polymer 'TETRAFLUOROALUMINATE ION'
#
loop_
_entity_poly.entity_id
_entity_poly.type
_entity_poly.pdbx_seq_one_letter_code
_entity_poly.pdbx_strand_id
1 'polypeptide(L)'
;MDIKSFLYQFCAKSQIEPKFDIRQTGPKNRQRFLCEVRVEPNTYIGVGNSTNKKDAEKNACRDFVNYLVRVGKLNTNDVP
ADAGASGGGPRTGLEGAGMAGGSGQQKRVFDGQSGPQDLGEAYRPLNHDGGDGGNRYSVIDRIQEQRDMNEAEAFDVNAA
IHGNWTIENAKERLNIYKQTNNIRDDYKYTPVGPEHARSFLAELSIYVPALNRTVTARESGSNKKSASKSCALSLVRQLF
HLNVIEPFSGTLKKKKDEQLKPYPVKLSPNLINKIDEVIKGLDLPVVNPRNIKIELDGPPIPLIVNLSRIDSSQQDGEKR
QESSVIPWAPPQANWNTWHACNIDEGELATTSIDDLSMDYERSLRDRRQNDNEYRQFLEFREKLPIAAMRSEILTAINDN
PVVIIRGNTGCGKTTQIAQYILDDYICSGQGGYANIYVTQPRRISAISVAERVARERCEQLGDTVGYSVRFESVFPRPYG
AILFCTVGVLLRKLEAGLRGVSHIIVDEIHERDVNSDFLLVILRDMVDTYPDLHVILMSATIDTTKFSKYFGICPVLEVP
GRAFPVQQFFLEDIIQMTDFVPSAESRRKRKEVEDEEQLLSEDKDEAEINYNKVCEDKYSQKTRNAMAMLSESDVSFELL
EALLMHIKSKNIPGAILVFLPGWNLIFALMKFLQNTNIFGDTSQYQILPCHSQIPRDEQRKVFEPVPEGVTKIILSTNIA
ETSITIDDIVFVIDICKARMKLFTSHNNLTSYATVWASKTNLEQRKGRAGRVRPGFCFTLCSRARFQALEDNLTPEMFRT
PLHEMALTIKLLRLGSIHHFLSKALEPPPVDAVIEAEVLLREMRCLDANDELTPLGRLLARLPIEPRLGKMMVLGAVFGC
ADLMAIMASYSSTFSEVFSLDIGQRRLANHQKALSGTKCSDHVAMIVASQMWRREKQRGEHMEARFCDWKGLQMSTMNVI
WDAKQQLLDLLQQAGFPEECMISHEVDERIDGDDPVLDVSLALLCLGLYPNICVHKEKRKVLTTESKAALLHKTSVNCSN
LAVTFPYPFFVFGEKIRTRAVSCKQLSMVSPLQVILFGSRKIDLAANNIVRVDNWLNFDIEPELAAKIGALKPALEDLIT
VACDNPSDILRLEEPYAQLVKVVKDLCVKSAGDFGLQRE
;
A
2 'polyribonucleotide' GUGUAAAAUGUUGCUAGCAAAUAUAUAUGCUAGUAACGUUUUACGCCCUCUUUCUUUCUU B
#
# COMPACT_ATOMS: atom_id res chain seq x y z
N ILE A 161 34.58 15.72 40.07
CA ILE A 161 35.19 14.67 39.27
C ILE A 161 34.11 13.79 38.64
N HIS A 162 33.41 13.04 39.48
CA HIS A 162 32.36 12.14 38.98
C HIS A 162 31.19 12.91 38.42
N GLY A 163 30.84 14.05 39.02
CA GLY A 163 29.71 14.84 38.56
C GLY A 163 30.11 16.02 37.72
N ASN A 164 31.34 15.99 37.20
CA ASN A 164 31.94 17.05 36.37
C ASN A 164 31.60 18.43 36.93
N TRP A 165 32.05 18.67 38.16
CA TRP A 165 31.75 19.90 38.88
C TRP A 165 32.59 21.03 38.30
N THR A 166 32.13 21.57 37.18
CA THR A 166 32.78 22.69 36.52
C THR A 166 31.71 23.68 36.08
N ILE A 167 32.10 24.66 35.27
CA ILE A 167 31.20 25.76 34.93
C ILE A 167 30.23 25.36 33.83
N GLU A 168 30.76 25.03 32.65
CA GLU A 168 29.91 24.74 31.49
C GLU A 168 29.49 23.27 31.46
N ASN A 169 28.99 22.78 32.59
CA ASN A 169 28.47 21.43 32.78
C ASN A 169 27.94 21.32 34.20
N ALA A 170 27.07 20.34 34.42
CA ALA A 170 26.48 20.07 35.73
C ALA A 170 25.63 21.24 36.22
N LYS A 171 25.49 22.27 35.40
CA LYS A 171 24.67 23.43 35.74
C LYS A 171 23.22 23.28 35.30
N GLU A 172 22.91 22.29 34.46
CA GLU A 172 21.53 22.07 34.06
C GLU A 172 20.67 21.70 35.26
N ARG A 173 21.18 20.82 36.12
CA ARG A 173 20.43 20.45 37.32
C ARG A 173 20.26 21.64 38.24
N LEU A 174 21.29 22.47 38.38
CA LEU A 174 21.18 23.67 39.21
C LEU A 174 20.13 24.63 38.65
N ASN A 175 20.11 24.81 37.33
CA ASN A 175 19.10 25.66 36.71
C ASN A 175 17.70 25.11 36.95
N ILE A 176 17.52 23.80 36.80
CA ILE A 176 16.21 23.20 37.04
C ILE A 176 15.80 23.37 38.50
N TYR A 177 16.74 23.18 39.42
CA TYR A 177 16.45 23.32 40.85
C TYR A 177 16.06 24.75 41.18
N LYS A 178 16.74 25.74 40.61
CA LYS A 178 16.37 27.13 40.84
C LYS A 178 15.03 27.46 40.19
N GLN A 179 14.72 26.85 39.05
CA GLN A 179 13.40 27.01 38.46
C GLN A 179 12.32 26.48 39.39
N THR A 180 12.58 25.33 40.03
CA THR A 180 11.66 24.83 41.03
C THR A 180 11.54 25.76 42.24
N ASN A 181 12.58 26.55 42.51
CA ASN A 181 12.53 27.53 43.58
C ASN A 181 12.11 28.92 43.10
N ASN A 182 12.13 29.16 41.79
CA ASN A 182 11.71 30.43 41.20
C ASN A 182 12.50 31.61 41.74
N ILE A 183 13.79 31.41 41.99
CA ILE A 183 14.67 32.47 42.47
C ILE A 183 15.25 33.16 41.24
N ARG A 184 14.88 34.42 41.03
CA ARG A 184 15.33 35.20 39.88
C ARG A 184 16.57 36.03 40.17
N ASP A 185 17.17 35.87 41.35
CA ASP A 185 18.35 36.63 41.71
C ASP A 185 19.56 36.17 40.89
N ASP A 186 20.62 36.97 40.95
CA ASP A 186 21.86 36.67 40.23
C ASP A 186 23.02 37.17 41.07
N TYR A 187 24.20 37.25 40.46
CA TYR A 187 25.43 37.59 41.17
C TYR A 187 25.62 39.09 41.16
N LYS A 188 25.71 39.68 42.36
CA LYS A 188 26.05 41.09 42.50
C LYS A 188 27.56 41.24 42.46
N TYR A 189 28.03 42.22 41.69
CA TYR A 189 29.47 42.39 41.42
C TYR A 189 30.00 43.61 42.15
N THR A 190 31.16 43.47 42.79
CA THR A 190 31.84 44.54 43.48
C THR A 190 33.26 44.65 42.94
N PRO A 191 33.69 45.83 42.51
CA PRO A 191 35.06 45.98 42.00
C PRO A 191 36.10 45.89 43.11
N VAL A 192 37.22 45.26 42.79
CA VAL A 192 38.36 45.13 43.70
C VAL A 192 39.63 45.34 42.87
N GLY A 193 40.54 46.16 43.39
CA GLY A 193 41.79 46.42 42.73
C GLY A 193 41.72 47.62 41.80
N PRO A 194 42.86 47.98 41.20
CA PRO A 194 42.89 49.13 40.29
C PRO A 194 42.28 48.83 38.93
N GLU A 195 42.36 49.79 38.00
CA GLU A 195 41.82 49.63 36.66
C GLU A 195 42.75 48.87 35.73
N HIS A 196 44.00 48.63 36.14
CA HIS A 196 44.93 47.82 35.38
C HIS A 196 45.07 46.40 35.91
N ALA A 197 44.54 46.12 37.09
CA ALA A 197 44.47 44.77 37.65
C ALA A 197 43.08 44.51 38.19
N ARG A 198 42.06 44.86 37.41
CA ARG A 198 40.69 44.85 37.89
C ARG A 198 40.21 43.43 38.18
N SER A 199 39.48 43.29 39.29
CA SER A 199 38.81 42.04 39.64
C SER A 199 37.40 42.36 40.11
N PHE A 200 36.51 41.38 39.98
CA PHE A 200 35.12 41.54 40.39
C PHE A 200 34.75 40.42 41.33
N LEU A 201 34.26 40.78 42.52
CA LEU A 201 33.77 39.81 43.49
C LEU A 201 32.26 39.72 43.37
N ALA A 202 31.75 38.54 43.02
CA ALA A 202 30.34 38.33 42.79
C ALA A 202 29.73 37.50 43.91
N GLU A 203 28.48 37.83 44.23
CA GLU A 203 27.74 37.25 45.34
C GLU A 203 26.41 36.70 44.86
N LEU A 204 25.96 35.63 45.50
CA LEU A 204 24.63 35.08 45.24
C LEU A 204 24.18 34.24 46.43
N SER A 205 22.93 34.43 46.85
CA SER A 205 22.35 33.67 47.95
C SER A 205 21.30 32.71 47.40
N ILE A 206 21.35 31.46 47.87
CA ILE A 206 20.46 30.40 47.41
C ILE A 206 19.74 29.83 48.62
N TYR A 207 18.43 29.77 48.55
CA TYR A 207 17.60 29.23 49.62
C TYR A 207 17.11 27.84 49.26
N VAL A 208 17.18 26.93 50.22
CA VAL A 208 16.80 25.53 50.03
C VAL A 208 15.51 25.29 50.80
N PRO A 209 14.35 25.23 50.13
CA PRO A 209 13.10 24.96 50.84
C PRO A 209 12.97 23.53 51.36
N ALA A 210 13.81 22.61 50.89
CA ALA A 210 13.71 21.20 51.27
C ALA A 210 14.59 20.85 52.47
N LEU A 211 15.77 21.45 52.58
CA LEU A 211 16.68 21.17 53.68
C LEU A 211 16.83 22.33 54.65
N ASN A 212 16.29 23.51 54.34
CA ASN A 212 16.36 24.68 55.21
C ASN A 212 17.80 25.02 55.58
N ARG A 213 18.70 24.94 54.58
CA ARG A 213 20.11 25.25 54.76
C ARG A 213 20.52 26.23 53.66
N THR A 214 20.35 27.51 53.92
CA THR A 214 20.69 28.55 52.95
C THR A 214 22.19 28.55 52.69
N VAL A 215 22.57 28.74 51.43
CA VAL A 215 23.97 28.76 51.03
C VAL A 215 24.26 30.07 50.31
N THR A 216 25.55 30.41 50.24
CA THR A 216 25.97 31.62 49.56
C THR A 216 27.23 31.34 48.76
N ALA A 217 27.38 32.10 47.67
CA ALA A 217 28.55 32.03 46.81
C ALA A 217 29.15 33.43 46.71
N ARG A 218 30.41 33.55 47.08
CA ARG A 218 31.14 34.82 47.03
C ARG A 218 32.51 34.53 46.40
N GLU A 219 32.64 34.75 45.11
CA GLU A 219 33.86 34.39 44.41
C GLU A 219 34.31 35.51 43.49
N SER A 220 35.62 35.58 43.26
CA SER A 220 36.21 36.64 42.46
C SER A 220 36.57 36.14 41.07
N GLY A 221 36.62 37.07 40.11
CA GLY A 221 36.97 36.76 38.75
C GLY A 221 37.58 37.98 38.08
N SER A 222 38.05 37.78 36.85
CA SER A 222 38.67 38.87 36.10
C SER A 222 37.65 39.82 35.48
N ASN A 223 36.37 39.44 35.45
CA ASN A 223 35.32 40.28 34.89
C ASN A 223 33.99 39.79 35.45
N LYS A 224 32.92 40.52 35.11
CA LYS A 224 31.60 40.18 35.64
C LYS A 224 31.19 38.78 35.20
N LYS A 225 31.35 38.47 33.92
CA LYS A 225 31.01 37.13 33.45
C LYS A 225 31.95 36.08 34.05
N SER A 226 33.24 36.39 34.13
CA SER A 226 34.17 35.46 34.76
C SER A 226 33.86 35.29 36.24
N ALA A 227 33.51 36.38 36.92
CA ALA A 227 33.13 36.28 38.33
C ALA A 227 31.89 35.42 38.49
N SER A 228 30.89 35.59 37.62
CA SER A 228 29.69 34.78 37.69
C SER A 228 30.01 33.30 37.45
N LYS A 229 30.88 33.01 36.47
CA LYS A 229 31.24 31.62 36.20
C LYS A 229 31.98 31.00 37.38
N SER A 230 32.92 31.74 37.97
CA SER A 230 33.64 31.25 39.15
C SER A 230 32.71 31.03 40.31
N CYS A 231 31.73 31.93 40.51
CA CYS A 231 30.76 31.75 41.58
C CYS A 231 29.89 30.53 41.33
N ALA A 232 29.48 30.31 40.07
CA ALA A 232 28.65 29.16 39.75
C ALA A 232 29.40 27.84 39.97
N LEU A 233 30.71 27.84 39.69
CA LEU A 233 31.52 26.67 39.96
C LEU A 233 31.43 26.26 41.43
N SER A 234 31.71 27.22 42.33
CA SER A 234 31.62 26.96 43.76
C SER A 234 30.19 26.69 44.20
N LEU A 235 29.21 27.30 43.54
CA LEU A 235 27.82 27.04 43.88
C LEU A 235 27.45 25.59 43.61
N VAL A 236 27.88 25.07 42.45
CA VAL A 236 27.62 23.66 42.13
C VAL A 236 28.39 22.76 43.08
N ARG A 237 29.63 23.12 43.43
CA ARG A 237 30.40 22.32 44.38
C ARG A 237 29.69 22.25 45.74
N GLN A 238 29.22 23.39 46.23
CA GLN A 238 28.50 23.44 47.50
C GLN A 238 27.14 22.75 47.44
N LEU A 239 26.45 22.81 46.30
CA LEU A 239 25.21 22.06 46.14
C LEU A 239 25.46 20.55 46.19
N PHE A 240 26.55 20.10 45.57
CA PHE A 240 26.93 18.69 45.71
C PHE A 240 27.26 18.35 47.14
N HIS A 241 27.99 19.23 47.83
CA HIS A 241 28.28 19.02 49.25
C HIS A 241 27.00 18.93 50.07
N LEU A 242 25.98 19.69 49.67
CA LEU A 242 24.69 19.66 50.36
C LEU A 242 23.93 18.37 50.12
N ASN A 243 24.35 17.57 49.13
CA ASN A 243 23.70 16.31 48.77
C ASN A 243 22.23 16.54 48.38
N VAL A 244 22.01 17.61 47.63
CA VAL A 244 20.68 17.92 47.11
C VAL A 244 20.66 18.13 45.60
N ILE A 245 21.80 18.37 44.95
CA ILE A 245 21.85 18.52 43.51
C ILE A 245 22.23 17.19 42.89
N GLU A 246 21.80 17.00 41.63
CA GLU A 246 22.08 15.77 40.90
C GLU A 246 23.36 15.93 40.09
N PRO A 247 24.29 14.98 40.18
CA PRO A 247 25.56 15.12 39.47
C PRO A 247 25.43 14.93 37.97
N PHE A 248 26.57 14.91 37.27
CA PHE A 248 26.61 14.72 35.82
C PHE A 248 25.83 15.80 35.10
N SER A 249 24.56 15.52 34.80
CA SER A 249 23.68 16.47 34.10
C SER A 249 24.28 16.90 32.77
N GLY A 250 24.76 15.92 32.00
CA GLY A 250 25.35 16.19 30.72
C GLY A 250 24.31 16.41 29.62
N THR A 251 24.76 16.40 28.37
CA THR A 251 23.88 16.63 27.23
C THR A 251 23.05 15.42 26.86
N LEU A 252 22.99 14.40 27.72
CA LEU A 252 22.26 13.16 27.44
C LEU A 252 21.18 12.99 28.49
N LYS A 253 19.94 13.36 28.14
CA LYS A 253 18.80 13.21 29.05
C LYS A 253 17.53 13.24 28.20
N LYS A 254 16.82 12.11 28.17
CA LYS A 254 15.60 11.95 27.39
C LYS A 254 14.41 11.75 28.33
N LYS A 255 13.20 11.79 27.74
CA LYS A 255 11.97 11.56 28.50
C LYS A 255 11.06 10.68 27.64
N LYS A 256 10.85 9.44 28.08
CA LYS A 256 9.98 8.51 27.37
C LYS A 256 8.81 8.07 28.25
N ASP A 257 8.00 7.14 27.76
CA ASP A 257 6.84 6.68 28.49
C ASP A 257 6.63 5.19 28.23
N GLU A 258 5.88 4.56 29.13
CA GLU A 258 5.55 3.14 29.03
C GLU A 258 4.12 2.96 29.53
N GLN A 259 3.73 1.71 29.77
CA GLN A 259 2.38 1.43 30.23
C GLN A 259 2.16 2.04 31.61
N LEU A 260 0.94 2.54 31.84
CA LEU A 260 0.59 3.13 33.13
C LEU A 260 -0.20 2.15 33.99
N LYS A 261 -1.36 1.70 33.51
CA LYS A 261 -2.15 0.64 34.13
C LYS A 261 -3.34 0.28 33.26
N PRO A 262 -3.59 -0.99 33.04
CA PRO A 262 -4.83 -1.41 32.35
C PRO A 262 -5.95 -1.69 33.34
N TYR A 263 -7.09 -2.13 32.83
CA TYR A 263 -8.13 -2.75 33.65
C TYR A 263 -8.03 -4.24 33.41
N PRO A 264 -7.12 -4.94 34.10
CA PRO A 264 -6.60 -6.22 33.58
C PRO A 264 -7.66 -7.26 33.26
N VAL A 265 -8.42 -7.72 34.25
CA VAL A 265 -9.65 -8.46 33.94
C VAL A 265 -10.81 -7.86 34.73
N LYS A 266 -10.74 -7.97 36.05
CA LYS A 266 -11.80 -7.53 36.97
C LYS A 266 -13.19 -7.75 36.36
N LEU A 267 -13.48 -9.02 36.08
CA LEU A 267 -14.76 -9.41 35.52
C LEU A 267 -15.74 -9.79 36.64
N SER A 268 -16.99 -10.00 36.25
CA SER A 268 -17.98 -10.52 37.17
C SER A 268 -17.80 -12.02 37.34
N PRO A 269 -18.22 -12.57 38.49
CA PRO A 269 -18.08 -14.02 38.69
C PRO A 269 -18.88 -14.83 37.70
N ASN A 270 -19.92 -14.24 37.09
CA ASN A 270 -20.69 -14.94 36.07
C ASN A 270 -19.80 -15.37 34.92
N LEU A 271 -18.98 -14.45 34.40
CA LEU A 271 -18.09 -14.79 33.29
C LEU A 271 -17.02 -15.78 33.73
N ILE A 272 -16.54 -15.69 34.97
CA ILE A 272 -15.56 -16.66 35.46
C ILE A 272 -16.16 -18.06 35.46
N ASN A 273 -17.38 -18.19 35.98
CA ASN A 273 -18.05 -19.48 35.97
C ASN A 273 -18.28 -19.98 34.55
N LYS A 274 -18.67 -19.07 33.65
CA LYS A 274 -18.90 -19.46 32.26
C LYS A 274 -17.61 -19.97 31.62
N ILE A 275 -16.49 -19.28 31.86
CA ILE A 275 -15.22 -19.71 31.31
C ILE A 275 -14.80 -21.05 31.87
N ASP A 276 -14.99 -21.26 33.17
CA ASP A 276 -14.64 -22.54 33.78
C ASP A 276 -15.49 -23.67 33.19
N GLU A 277 -16.79 -23.42 33.01
CA GLU A 277 -17.66 -24.43 32.41
C GLU A 277 -17.25 -24.72 30.97
N VAL A 278 -16.86 -23.69 30.22
CA VAL A 278 -16.44 -23.90 28.83
C VAL A 278 -15.16 -24.73 28.78
N ILE A 279 -14.18 -24.39 29.64
CA ILE A 279 -12.93 -25.14 29.63
C ILE A 279 -13.13 -26.56 30.15
N LYS A 280 -14.18 -26.79 30.93
CA LYS A 280 -14.53 -28.15 31.32
C LYS A 280 -15.55 -28.78 30.38
N GLY A 281 -16.40 -27.97 29.74
CA GLY A 281 -17.37 -28.49 28.80
C GLY A 281 -16.82 -28.82 27.42
N LEU A 282 -15.57 -28.44 27.14
CA LEU A 282 -14.92 -28.79 25.90
C LEU A 282 -13.62 -29.57 26.10
N ASP A 283 -13.17 -29.72 27.35
CA ASP A 283 -11.94 -30.45 27.69
C ASP A 283 -10.74 -29.86 26.96
N LEU A 284 -10.42 -28.62 27.32
CA LEU A 284 -9.28 -27.89 26.76
C LEU A 284 -8.27 -27.68 27.88
N PRO A 285 -7.47 -28.70 28.21
CA PRO A 285 -6.52 -28.56 29.32
C PRO A 285 -5.37 -27.64 28.94
N VAL A 286 -5.11 -26.66 29.80
CA VAL A 286 -4.01 -25.71 29.62
C VAL A 286 -3.13 -25.75 30.86
N VAL A 287 -1.86 -25.42 30.67
CA VAL A 287 -0.88 -25.42 31.75
C VAL A 287 -0.78 -24.01 32.32
N ASN A 288 -0.90 -23.90 33.64
CA ASN A 288 -0.80 -22.61 34.31
C ASN A 288 0.65 -22.34 34.65
N PRO A 289 1.27 -21.29 34.07
CA PRO A 289 2.66 -20.94 34.37
C PRO A 289 2.78 -20.06 35.62
N GLU A 322 -0.60 -35.69 -10.35
CA GLU A 322 0.19 -34.88 -9.43
C GLU A 322 0.33 -33.45 -9.94
N SER A 323 1.42 -33.20 -10.67
CA SER A 323 1.64 -31.89 -11.29
C SER A 323 0.94 -31.80 -12.64
N SER A 324 -0.39 -31.85 -12.58
CA SER A 324 -1.22 -31.83 -13.78
C SER A 324 -1.31 -30.41 -14.33
N VAL A 325 -2.22 -30.21 -15.28
CA VAL A 325 -2.44 -28.90 -15.87
C VAL A 325 -3.95 -28.64 -15.89
N ILE A 326 -4.30 -27.37 -15.94
CA ILE A 326 -5.72 -27.00 -15.98
C ILE A 326 -6.30 -27.35 -17.34
N PRO A 327 -7.38 -28.12 -17.41
CA PRO A 327 -7.95 -28.46 -18.72
C PRO A 327 -8.40 -27.23 -19.50
N TRP A 328 -8.21 -27.30 -20.81
CA TRP A 328 -8.67 -26.28 -21.74
C TRP A 328 -9.34 -26.96 -22.92
N ALA A 329 -10.34 -26.28 -23.48
CA ALA A 329 -11.04 -26.78 -24.65
C ALA A 329 -11.13 -25.69 -25.71
N PRO A 330 -11.20 -26.08 -26.98
CA PRO A 330 -11.54 -25.12 -28.03
C PRO A 330 -12.96 -24.62 -27.85
N PRO A 331 -13.36 -23.56 -28.56
CA PRO A 331 -14.71 -23.04 -28.39
C PRO A 331 -15.76 -24.12 -28.65
N GLN A 332 -16.79 -24.14 -27.81
CA GLN A 332 -17.85 -25.13 -27.86
C GLN A 332 -19.20 -24.44 -27.77
N ALA A 333 -20.21 -25.07 -28.34
CA ALA A 333 -21.55 -24.50 -28.33
C ALA A 333 -22.15 -24.54 -26.92
N ASN A 334 -23.00 -23.56 -26.63
CA ASN A 334 -23.75 -23.48 -25.38
C ASN A 334 -22.82 -23.35 -24.17
N TRP A 335 -21.58 -22.93 -24.40
CA TRP A 335 -20.60 -22.76 -23.34
C TRP A 335 -20.12 -21.32 -23.33
N ASN A 336 -20.15 -20.69 -22.16
CA ASN A 336 -19.67 -19.33 -21.99
C ASN A 336 -18.24 -19.36 -21.47
N THR A 337 -17.35 -18.61 -22.12
CA THR A 337 -15.96 -18.62 -21.71
C THR A 337 -15.74 -17.82 -20.44
N TRP A 338 -16.39 -16.66 -20.30
CA TRP A 338 -16.14 -15.80 -19.15
C TRP A 338 -16.53 -16.48 -17.84
N HIS A 339 -17.74 -17.03 -17.78
CA HIS A 339 -18.24 -17.62 -16.55
C HIS A 339 -17.76 -19.05 -16.34
N ALA A 340 -17.05 -19.63 -17.32
CA ALA A 340 -16.47 -20.97 -17.19
C ALA A 340 -17.53 -22.01 -16.83
N CYS A 341 -18.67 -21.94 -17.49
CA CYS A 341 -19.77 -22.88 -17.26
C CYS A 341 -20.60 -22.94 -18.53
N ASN A 342 -21.73 -23.64 -18.46
CA ASN A 342 -22.67 -23.77 -19.56
C ASN A 342 -23.87 -22.87 -19.29
N ILE A 343 -24.15 -21.97 -20.24
CA ILE A 343 -25.29 -21.08 -20.09
C ILE A 343 -26.60 -21.88 -20.12
N ASP A 344 -26.70 -22.83 -21.05
CA ASP A 344 -27.85 -23.71 -21.22
C ASP A 344 -29.14 -22.94 -21.49
N GLU A 345 -29.04 -21.67 -21.88
CA GLU A 345 -30.22 -20.87 -22.17
C GLU A 345 -29.78 -19.65 -22.98
N GLY A 346 -30.78 -18.92 -23.48
CA GLY A 346 -30.50 -17.72 -24.26
C GLY A 346 -30.61 -17.94 -25.75
N GLU A 347 -29.54 -17.65 -26.48
CA GLU A 347 -29.51 -17.84 -27.92
C GLU A 347 -28.45 -18.81 -28.40
N LEU A 348 -27.29 -18.87 -27.74
CA LEU A 348 -26.25 -19.82 -28.13
C LEU A 348 -26.70 -21.26 -27.94
N ALA A 349 -27.67 -21.50 -27.06
CA ALA A 349 -28.15 -22.86 -26.84
C ALA A 349 -28.78 -23.44 -28.09
N THR A 350 -29.26 -22.58 -29.00
CA THR A 350 -29.88 -23.01 -30.24
C THR A 350 -29.20 -22.45 -31.48
N THR A 351 -28.15 -21.65 -31.32
CA THR A 351 -27.45 -21.03 -32.45
C THR A 351 -26.01 -21.51 -32.48
N SER A 352 -25.54 -21.88 -33.67
CA SER A 352 -24.19 -22.39 -33.82
C SER A 352 -23.17 -21.25 -33.75
N ILE A 353 -21.93 -21.61 -33.40
CA ILE A 353 -20.87 -20.63 -33.30
C ILE A 353 -20.53 -20.04 -34.67
N ASP A 354 -20.70 -20.82 -35.73
CA ASP A 354 -20.45 -20.32 -37.07
C ASP A 354 -21.38 -19.16 -37.41
N ASP A 355 -22.64 -19.26 -36.97
CA ASP A 355 -23.58 -18.16 -37.19
C ASP A 355 -23.11 -16.89 -36.47
N LEU A 356 -22.61 -17.04 -35.24
CA LEU A 356 -22.09 -15.88 -34.52
C LEU A 356 -20.87 -15.30 -35.23
N SER A 357 -20.00 -16.15 -35.75
CA SER A 357 -18.84 -15.67 -36.49
C SER A 357 -19.27 -14.89 -37.73
N MET A 358 -20.26 -15.40 -38.46
CA MET A 358 -20.73 -14.71 -39.64
C MET A 358 -21.40 -13.38 -39.27
N ASP A 359 -22.15 -13.36 -38.16
CA ASP A 359 -22.75 -12.11 -37.70
C ASP A 359 -21.69 -11.08 -37.34
N TYR A 360 -20.64 -11.51 -36.63
CA TYR A 360 -19.55 -10.60 -36.30
C TYR A 360 -18.88 -10.08 -37.56
N GLU A 361 -18.67 -10.96 -38.54
CA GLU A 361 -18.03 -10.56 -39.79
C GLU A 361 -18.87 -9.52 -40.54
N ARG A 362 -20.17 -9.77 -40.67
CA ARG A 362 -21.02 -8.81 -41.38
C ARG A 362 -21.13 -7.49 -40.63
N SER A 363 -21.18 -7.55 -39.29
CA SER A 363 -21.21 -6.31 -38.51
C SER A 363 -19.93 -5.51 -38.70
N LEU A 364 -18.77 -6.19 -38.72
CA LEU A 364 -17.52 -5.47 -38.93
C LEU A 364 -17.42 -4.92 -40.34
N ARG A 365 -17.95 -5.65 -41.33
CA ARG A 365 -17.98 -5.13 -42.69
C ARG A 365 -18.84 -3.88 -42.79
N ASP A 366 -20.00 -3.90 -42.14
CA ASP A 366 -20.85 -2.71 -42.11
C ASP A 366 -20.15 -1.55 -41.41
N ARG A 367 -19.45 -1.84 -40.32
CA ARG A 367 -18.69 -0.81 -39.62
C ARG A 367 -17.60 -0.22 -40.52
N ARG A 368 -16.90 -1.07 -41.26
CA ARG A 368 -15.92 -0.59 -42.23
C ARG A 368 -16.59 0.31 -43.27
N GLN A 369 -17.79 -0.06 -43.68
CA GLN A 369 -18.48 0.71 -44.71
C GLN A 369 -18.89 2.09 -44.22
N ASN A 370 -19.42 2.19 -42.99
CA ASN A 370 -20.11 3.41 -42.58
C ASN A 370 -19.46 4.15 -41.41
N ASP A 371 -18.84 3.46 -40.47
CA ASP A 371 -18.41 4.07 -39.21
C ASP A 371 -17.23 4.99 -39.45
N ASN A 372 -17.50 6.30 -39.58
CA ASN A 372 -16.47 7.26 -39.96
C ASN A 372 -15.51 7.56 -38.81
N GLU A 373 -16.02 7.64 -37.58
CA GLU A 373 -15.12 7.79 -36.44
C GLU A 373 -14.23 6.56 -36.31
N TYR A 374 -14.77 5.37 -36.62
CA TYR A 374 -13.93 4.20 -36.70
C TYR A 374 -12.92 4.32 -37.85
N ARG A 375 -13.30 4.99 -38.95
CA ARG A 375 -12.34 5.22 -40.02
C ARG A 375 -11.16 6.04 -39.54
N GLN A 376 -11.43 7.13 -38.82
CA GLN A 376 -10.33 7.96 -38.33
C GLN A 376 -9.52 7.24 -37.26
N PHE A 377 -10.18 6.45 -36.41
CA PHE A 377 -9.44 5.68 -35.42
C PHE A 377 -8.54 4.64 -36.08
N LEU A 378 -9.03 3.96 -37.12
CA LEU A 378 -8.21 2.98 -37.79
C LEU A 378 -7.09 3.63 -38.60
N GLU A 379 -7.32 4.83 -39.15
CA GLU A 379 -6.21 5.51 -39.82
C GLU A 379 -5.15 5.96 -38.81
N PHE A 380 -5.57 6.36 -37.61
CA PHE A 380 -4.63 6.65 -36.54
C PHE A 380 -3.84 5.39 -36.15
N ARG A 381 -4.54 4.25 -36.08
CA ARG A 381 -3.87 3.00 -35.77
C ARG A 381 -2.96 2.54 -36.90
N GLU A 382 -3.29 2.90 -38.14
CA GLU A 382 -2.45 2.54 -39.27
C GLU A 382 -1.18 3.37 -39.30
N LYS A 383 -1.29 4.68 -39.09
CA LYS A 383 -0.09 5.48 -38.91
C LYS A 383 0.65 5.13 -37.63
N LEU A 384 -0.04 4.49 -36.69
CA LEU A 384 0.64 3.94 -35.52
C LEU A 384 1.60 2.84 -35.96
N PRO A 385 2.76 2.73 -35.33
CA PRO A 385 3.85 1.93 -35.92
C PRO A 385 3.53 0.47 -36.18
N ILE A 386 2.82 -0.21 -35.28
CA ILE A 386 2.69 -1.67 -35.39
C ILE A 386 1.99 -2.05 -36.70
N ALA A 387 1.08 -1.20 -37.17
CA ALA A 387 0.30 -1.50 -38.37
C ALA A 387 1.20 -1.62 -39.59
N ALA A 388 2.49 -1.36 -39.42
CA ALA A 388 3.46 -1.72 -40.45
C ALA A 388 3.39 -3.21 -40.75
N MET A 389 3.66 -4.05 -39.76
CA MET A 389 3.74 -5.49 -39.99
C MET A 389 2.43 -6.20 -39.64
N ARG A 390 1.29 -5.67 -40.10
CA ARG A 390 0.04 -6.29 -39.66
C ARG A 390 0.09 -7.77 -39.98
N SER A 391 0.04 -8.09 -41.27
CA SER A 391 0.03 -9.49 -41.66
C SER A 391 1.19 -10.23 -41.03
N GLU A 392 2.36 -9.59 -40.93
CA GLU A 392 3.51 -10.31 -40.43
C GLU A 392 3.22 -10.86 -39.04
N ILE A 393 2.78 -9.99 -38.14
CA ILE A 393 2.51 -10.42 -36.78
C ILE A 393 1.27 -11.30 -36.74
N LEU A 394 0.38 -11.16 -37.72
CA LEU A 394 -0.77 -12.04 -37.78
C LEU A 394 -0.37 -13.47 -38.18
N THR A 395 0.79 -13.63 -38.81
CA THR A 395 1.23 -14.93 -39.26
C THR A 395 2.20 -15.59 -38.29
N ALA A 396 3.17 -14.82 -37.80
CA ALA A 396 4.17 -15.39 -36.89
C ALA A 396 3.49 -16.10 -35.72
N ILE A 397 2.40 -15.52 -35.23
CA ILE A 397 1.70 -16.10 -34.09
C ILE A 397 1.16 -17.50 -34.44
N ASN A 398 0.58 -17.64 -35.63
CA ASN A 398 0.14 -18.96 -36.05
C ASN A 398 1.32 -19.89 -36.32
N ASP A 399 2.50 -19.33 -36.58
CA ASP A 399 3.65 -20.17 -36.88
C ASP A 399 4.10 -20.96 -35.66
N ASN A 400 4.11 -20.34 -34.49
CA ASN A 400 4.75 -20.93 -33.33
C ASN A 400 3.84 -20.92 -32.12
N PRO A 401 4.08 -21.82 -31.15
CA PRO A 401 3.30 -21.77 -29.92
C PRO A 401 3.58 -20.53 -29.08
N VAL A 402 4.84 -20.22 -28.82
CA VAL A 402 5.23 -19.09 -27.98
C VAL A 402 5.75 -17.99 -28.89
N VAL A 403 5.19 -16.79 -28.76
CA VAL A 403 5.53 -15.65 -29.60
C VAL A 403 5.87 -14.48 -28.70
N ILE A 404 7.04 -13.88 -28.92
CA ILE A 404 7.48 -12.71 -28.16
C ILE A 404 7.55 -11.53 -29.12
N ILE A 405 6.80 -10.48 -28.81
CA ILE A 405 6.87 -9.22 -29.55
C ILE A 405 7.87 -8.33 -28.81
N ARG A 406 8.65 -7.57 -29.57
CA ARG A 406 9.64 -6.65 -29.01
C ARG A 406 9.62 -5.35 -29.81
N GLY A 407 9.30 -4.26 -29.13
CA GLY A 407 9.26 -2.95 -29.77
C GLY A 407 9.22 -1.85 -28.73
N ASN A 408 9.94 -0.77 -28.96
CA ASN A 408 10.13 0.27 -27.96
C ASN A 408 8.79 0.84 -27.49
N THR A 409 8.80 1.37 -26.27
CA THR A 409 7.59 1.86 -25.65
C THR A 409 7.01 3.04 -26.44
N GLY A 410 5.75 3.34 -26.18
CA GLY A 410 5.07 4.41 -26.88
C GLY A 410 4.54 4.04 -28.25
N CYS A 411 4.61 2.77 -28.63
CA CYS A 411 4.13 2.36 -29.95
C CYS A 411 2.61 2.24 -29.98
N GLY A 412 1.95 2.39 -28.83
CA GLY A 412 0.52 2.17 -28.76
C GLY A 412 0.20 0.74 -29.16
N LYS A 413 0.93 -0.21 -28.57
CA LYS A 413 0.98 -1.60 -29.00
C LYS A 413 0.01 -2.51 -28.27
N THR A 414 -0.10 -2.36 -26.95
CA THR A 414 -1.02 -3.18 -26.18
C THR A 414 -2.46 -2.94 -26.63
N THR A 415 -2.83 -1.69 -26.82
CA THR A 415 -4.17 -1.37 -27.29
C THR A 415 -4.37 -1.68 -28.74
N GLN A 416 -3.45 -2.36 -29.44
CA GLN A 416 -3.64 -2.59 -30.86
C GLN A 416 -3.44 -4.05 -31.27
N ILE A 417 -2.55 -4.77 -30.59
CA ILE A 417 -2.22 -6.12 -31.06
C ILE A 417 -3.40 -7.07 -30.86
N ALA A 418 -4.10 -6.96 -29.74
CA ALA A 418 -5.26 -7.81 -29.51
C ALA A 418 -6.38 -7.49 -30.49
N GLN A 419 -6.59 -6.20 -30.77
CA GLN A 419 -7.61 -5.81 -31.74
C GLN A 419 -7.26 -6.35 -33.12
N TYR A 420 -5.97 -6.32 -33.48
CA TYR A 420 -5.56 -6.84 -34.78
C TYR A 420 -5.74 -8.35 -34.86
N ILE A 421 -5.47 -9.07 -33.77
CA ILE A 421 -5.71 -10.51 -33.77
C ILE A 421 -7.19 -10.80 -33.95
N LEU A 422 -8.04 -10.05 -33.26
CA LEU A 422 -9.49 -10.22 -33.44
C LEU A 422 -9.91 -9.92 -34.87
N ASP A 423 -9.37 -8.84 -35.45
CA ASP A 423 -9.73 -8.47 -36.81
C ASP A 423 -9.30 -9.54 -37.80
N ASP A 424 -8.11 -10.10 -37.62
CA ASP A 424 -7.65 -11.18 -38.50
C ASP A 424 -8.53 -12.41 -38.35
N TYR A 425 -8.93 -12.74 -37.13
CA TYR A 425 -9.78 -13.90 -36.92
C TYR A 425 -11.20 -13.70 -37.41
N ILE A 426 -11.67 -12.46 -37.51
CA ILE A 426 -13.04 -12.22 -37.95
C ILE A 426 -13.10 -11.99 -39.46
N CYS A 427 -12.01 -11.51 -40.05
CA CYS A 427 -11.99 -11.31 -41.49
C CYS A 427 -12.09 -12.63 -42.25
N SER A 428 -11.74 -13.75 -41.61
CA SER A 428 -11.96 -15.07 -42.16
C SER A 428 -13.33 -15.64 -41.77
N GLY A 429 -14.19 -14.81 -41.18
CA GLY A 429 -15.50 -15.26 -40.75
C GLY A 429 -15.46 -16.30 -39.65
N GLN A 430 -14.49 -16.20 -38.75
CA GLN A 430 -14.34 -17.15 -37.65
C GLN A 430 -14.24 -16.45 -36.29
N GLY A 431 -14.71 -15.21 -36.20
CA GLY A 431 -14.60 -14.48 -34.94
C GLY A 431 -15.35 -15.15 -33.80
N GLY A 432 -16.40 -15.91 -34.13
CA GLY A 432 -17.09 -16.67 -33.10
C GLY A 432 -16.19 -17.69 -32.44
N TYR A 433 -15.36 -18.37 -33.24
CA TYR A 433 -14.46 -19.40 -32.72
C TYR A 433 -13.14 -18.81 -32.26
N ALA A 434 -13.20 -17.72 -31.48
CA ALA A 434 -11.99 -17.05 -31.04
C ALA A 434 -12.32 -16.06 -29.93
N ASN A 435 -11.49 -16.03 -28.90
CA ASN A 435 -11.58 -15.03 -27.86
C ASN A 435 -10.18 -14.73 -27.35
N ILE A 436 -10.01 -13.53 -26.81
CA ILE A 436 -8.69 -12.98 -26.49
C ILE A 436 -8.63 -12.65 -25.02
N TYR A 437 -7.57 -13.11 -24.36
CA TYR A 437 -7.38 -12.97 -22.92
C TYR A 437 -6.07 -12.26 -22.64
N VAL A 438 -6.12 -11.07 -22.04
CA VAL A 438 -4.94 -10.25 -21.83
C VAL A 438 -4.85 -9.86 -20.35
N THR A 439 -3.63 -9.85 -19.82
CA THR A 439 -3.38 -9.54 -18.42
C THR A 439 -2.38 -8.40 -18.29
N GLN A 440 -2.81 -7.34 -17.60
CA GLN A 440 -1.94 -6.25 -17.18
C GLN A 440 -1.54 -6.44 -15.73
N PRO A 441 -0.43 -5.84 -15.29
CA PRO A 441 -0.04 -6.00 -13.88
C PRO A 441 -0.59 -4.95 -12.93
N ARG A 442 -1.28 -3.92 -13.44
CA ARG A 442 -1.80 -2.86 -12.60
C ARG A 442 -3.29 -2.67 -12.87
N ARG A 443 -4.06 -2.44 -11.79
CA ARG A 443 -5.50 -2.31 -11.92
C ARG A 443 -5.88 -1.11 -12.78
N ILE A 444 -5.34 0.07 -12.43
CA ILE A 444 -5.71 1.29 -13.12
C ILE A 444 -5.24 1.24 -14.57
N SER A 445 -4.09 0.61 -14.83
CA SER A 445 -3.64 0.42 -16.19
C SER A 445 -4.63 -0.44 -16.97
N ALA A 446 -5.14 -1.49 -16.34
CA ALA A 446 -6.14 -2.33 -16.99
C ALA A 446 -7.40 -1.54 -17.32
N ILE A 447 -7.86 -0.73 -16.37
CA ILE A 447 -9.05 0.09 -16.61
C ILE A 447 -8.81 1.03 -17.77
N SER A 448 -7.65 1.68 -17.79
CA SER A 448 -7.35 2.65 -18.83
C SER A 448 -7.26 2.00 -20.19
N VAL A 449 -6.59 0.84 -20.29
CA VAL A 449 -6.46 0.20 -21.59
C VAL A 449 -7.80 -0.34 -22.07
N ALA A 450 -8.64 -0.83 -21.15
CA ALA A 450 -9.98 -1.26 -21.54
C ALA A 450 -10.78 -0.08 -22.08
N GLU A 451 -10.73 1.06 -21.39
CA GLU A 451 -11.46 2.23 -21.87
C GLU A 451 -10.93 2.68 -23.22
N ARG A 452 -9.60 2.65 -23.40
CA ARG A 452 -9.01 3.08 -24.67
C ARG A 452 -9.42 2.16 -25.80
N VAL A 453 -9.38 0.85 -25.58
CA VAL A 453 -9.75 -0.08 -26.65
C VAL A 453 -11.24 0.02 -26.95
N ALA A 454 -12.06 0.30 -25.95
CA ALA A 454 -13.48 0.51 -26.21
C ALA A 454 -13.71 1.78 -27.03
N ARG A 455 -13.04 2.86 -26.68
CA ARG A 455 -13.23 4.12 -27.39
C ARG A 455 -12.72 4.04 -28.82
N GLU A 456 -11.57 3.40 -29.02
CA GLU A 456 -11.06 3.21 -30.38
C GLU A 456 -11.97 2.29 -31.19
N ARG A 457 -12.52 1.26 -30.55
CA ARG A 457 -13.50 0.41 -31.21
C ARG A 457 -14.83 1.11 -31.42
N CYS A 458 -15.00 2.30 -30.83
CA CYS A 458 -16.25 3.07 -30.93
C CYS A 458 -17.43 2.29 -30.35
N GLU A 459 -17.14 1.46 -29.36
CA GLU A 459 -18.15 0.61 -28.74
C GLU A 459 -18.24 0.91 -27.26
N GLN A 460 -19.45 0.76 -26.72
CA GLN A 460 -19.64 0.87 -25.28
C GLN A 460 -18.89 -0.24 -24.57
N LEU A 461 -18.31 0.08 -23.42
CA LEU A 461 -17.56 -0.90 -22.65
C LEU A 461 -18.47 -2.05 -22.24
N GLY A 462 -17.95 -3.27 -22.37
CA GLY A 462 -18.69 -4.47 -22.00
C GLY A 462 -19.45 -5.13 -23.12
N ASP A 463 -19.23 -4.72 -24.37
CA ASP A 463 -19.89 -5.37 -25.51
C ASP A 463 -18.94 -6.37 -26.17
N THR A 464 -17.78 -5.90 -26.61
CA THR A 464 -16.75 -6.77 -27.16
C THR A 464 -15.42 -6.66 -26.44
N VAL A 465 -15.23 -5.64 -25.61
CA VAL A 465 -14.04 -5.50 -24.79
C VAL A 465 -14.49 -5.26 -23.35
N GLY A 466 -14.04 -6.12 -22.45
CA GLY A 466 -14.42 -6.00 -21.06
C GLY A 466 -13.20 -6.13 -20.17
N TYR A 467 -13.37 -5.74 -18.91
CA TYR A 467 -12.29 -5.85 -17.95
C TYR A 467 -12.80 -6.48 -16.67
N SER A 468 -11.92 -7.24 -16.03
CA SER A 468 -12.22 -7.90 -14.76
C SER A 468 -11.05 -7.65 -13.82
N VAL A 469 -11.10 -6.56 -13.09
CA VAL A 469 -10.13 -6.29 -12.05
C VAL A 469 -10.66 -6.85 -10.74
N ARG A 470 -9.79 -6.96 -9.75
CA ARG A 470 -10.24 -7.51 -8.47
C ARG A 470 -11.41 -6.70 -7.93
N PHE A 471 -12.47 -7.40 -7.54
CA PHE A 471 -13.70 -6.78 -7.03
C PHE A 471 -14.40 -5.91 -8.06
N GLU A 472 -14.27 -6.23 -9.35
CA GLU A 472 -14.99 -5.49 -10.38
C GLU A 472 -14.93 -6.25 -11.69
N SER A 473 -16.09 -6.43 -12.32
CA SER A 473 -16.14 -7.18 -13.57
C SER A 473 -17.22 -6.60 -14.48
N VAL A 474 -16.86 -6.36 -15.73
CA VAL A 474 -17.80 -5.82 -16.71
C VAL A 474 -17.87 -6.75 -17.92
N PHE A 475 -17.78 -8.06 -17.68
CA PHE A 475 -17.65 -9.10 -18.70
C PHE A 475 -18.44 -8.81 -19.96
N PRO A 476 -17.81 -8.87 -21.14
CA PRO A 476 -18.53 -8.62 -22.39
C PRO A 476 -19.22 -9.87 -22.90
N ARG A 477 -19.76 -9.81 -24.12
CA ARG A 477 -20.41 -10.93 -24.77
C ARG A 477 -19.54 -12.17 -24.74
N PRO A 478 -20.12 -13.37 -24.78
CA PRO A 478 -19.29 -14.58 -24.60
C PRO A 478 -18.42 -14.92 -25.80
N TYR A 479 -18.81 -14.53 -27.00
CA TYR A 479 -18.09 -14.92 -28.20
C TYR A 479 -17.66 -13.69 -28.99
N GLY A 480 -16.45 -13.77 -29.54
CA GLY A 480 -15.90 -12.67 -30.31
C GLY A 480 -15.68 -11.42 -29.47
N ALA A 481 -15.07 -11.59 -28.30
CA ALA A 481 -14.85 -10.47 -27.40
C ALA A 481 -13.46 -10.56 -26.81
N ILE A 482 -12.99 -9.43 -26.29
CA ILE A 482 -11.65 -9.29 -25.72
C ILE A 482 -11.79 -9.05 -24.23
N LEU A 483 -10.89 -9.63 -23.45
CA LEU A 483 -10.90 -9.49 -22.00
C LEU A 483 -9.56 -8.94 -21.53
N PHE A 484 -9.61 -7.94 -20.66
CA PHE A 484 -8.46 -7.39 -19.97
C PHE A 484 -8.63 -7.62 -18.47
N CYS A 485 -7.58 -8.11 -17.83
CA CYS A 485 -7.67 -8.35 -16.40
C CYS A 485 -6.30 -8.27 -15.79
N THR A 486 -6.27 -8.11 -14.46
CA THR A 486 -5.00 -8.21 -13.76
C THR A 486 -4.61 -9.68 -13.62
N VAL A 487 -3.34 -9.90 -13.25
CA VAL A 487 -2.85 -11.27 -13.15
C VAL A 487 -3.56 -12.02 -12.03
N GLY A 488 -3.99 -11.31 -10.99
CA GLY A 488 -4.71 -11.97 -9.90
C GLY A 488 -6.03 -12.55 -10.35
N VAL A 489 -6.78 -11.82 -11.18
CA VAL A 489 -8.06 -12.32 -11.64
C VAL A 489 -7.88 -13.53 -12.54
N LEU A 490 -6.82 -13.52 -13.37
CA LEU A 490 -6.54 -14.69 -14.19
C LEU A 490 -6.11 -15.88 -13.33
N LEU A 491 -5.32 -15.65 -12.28
CA LEU A 491 -4.97 -16.74 -11.39
C LEU A 491 -6.20 -17.29 -10.68
N ARG A 492 -7.17 -16.45 -10.37
CA ARG A 492 -8.42 -16.93 -9.78
C ARG A 492 -9.21 -17.76 -10.79
N LYS A 493 -9.37 -17.25 -12.02
CA LYS A 493 -10.09 -17.98 -13.05
C LYS A 493 -9.41 -19.28 -13.43
N LEU A 494 -8.10 -19.39 -13.18
CA LEU A 494 -7.37 -20.60 -13.51
C LEU A 494 -7.95 -21.84 -12.83
N GLU A 495 -8.60 -21.66 -11.68
CA GLU A 495 -9.20 -22.79 -10.99
C GLU A 495 -10.25 -23.48 -11.84
N ALA A 496 -11.08 -22.69 -12.53
CA ALA A 496 -12.16 -23.27 -13.32
C ALA A 496 -11.63 -23.89 -14.61
N GLY A 497 -11.08 -23.08 -15.50
CA GLY A 497 -10.56 -23.57 -16.75
C GLY A 497 -10.50 -22.48 -17.81
N LEU A 498 -9.49 -22.59 -18.68
CA LEU A 498 -9.31 -21.68 -19.79
C LEU A 498 -10.11 -22.09 -21.02
N ARG A 499 -11.13 -22.92 -20.84
CA ARG A 499 -11.92 -23.39 -21.97
C ARG A 499 -12.64 -22.23 -22.64
N GLY A 500 -12.63 -22.22 -23.96
CA GLY A 500 -13.39 -21.25 -24.74
C GLY A 500 -12.67 -19.97 -25.10
N VAL A 501 -11.37 -19.88 -24.87
CA VAL A 501 -10.59 -18.70 -25.24
C VAL A 501 -9.52 -19.12 -26.24
N SER A 502 -9.30 -18.28 -27.24
CA SER A 502 -8.41 -18.64 -28.35
C SER A 502 -6.95 -18.30 -28.02
N HIS A 503 -6.65 -17.02 -27.80
CA HIS A 503 -5.27 -16.57 -27.65
C HIS A 503 -5.12 -15.72 -26.39
N ILE A 504 -3.98 -15.89 -25.72
CA ILE A 504 -3.66 -15.14 -24.52
C ILE A 504 -2.46 -14.24 -24.84
N ILE A 505 -2.56 -12.97 -24.42
CA ILE A 505 -1.71 -11.88 -24.89
C ILE A 505 -0.99 -11.22 -23.73
N VAL A 506 -0.43 -12.04 -22.82
CA VAL A 506 0.18 -11.52 -21.59
C VAL A 506 1.01 -10.28 -21.88
N ASP A 507 0.77 -9.22 -21.13
CA ASP A 507 1.34 -7.90 -21.38
C ASP A 507 2.69 -7.79 -20.68
N GLU A 508 3.13 -6.55 -20.47
CA GLU A 508 4.47 -6.21 -20.05
C GLU A 508 5.04 -7.21 -19.04
N ILE A 509 6.19 -7.80 -19.40
CA ILE A 509 6.79 -8.82 -18.56
C ILE A 509 8.03 -8.27 -17.86
N HIS A 510 8.54 -7.13 -18.33
CA HIS A 510 9.74 -6.53 -17.75
C HIS A 510 9.48 -6.02 -16.35
N GLU A 511 8.21 -5.97 -15.95
CA GLU A 511 7.85 -5.67 -14.56
C GLU A 511 8.43 -6.67 -13.58
N ARG A 512 8.52 -7.95 -13.97
CA ARG A 512 9.13 -9.00 -13.17
C ARG A 512 8.41 -9.20 -11.84
N ASP A 513 7.16 -8.76 -11.76
CA ASP A 513 6.38 -8.96 -10.54
C ASP A 513 6.07 -10.44 -10.35
N VAL A 514 5.81 -10.82 -9.10
CA VAL A 514 5.62 -12.23 -8.76
C VAL A 514 4.44 -12.81 -9.54
N ASN A 515 3.36 -12.04 -9.67
CA ASN A 515 2.17 -12.54 -10.36
C ASN A 515 2.45 -12.86 -11.82
N SER A 516 3.14 -11.94 -12.52
CA SER A 516 3.39 -12.14 -13.94
C SER A 516 4.29 -13.35 -14.17
N ASP A 517 5.35 -13.51 -13.36
CA ASP A 517 6.23 -14.65 -13.56
C ASP A 517 5.54 -15.96 -13.20
N PHE A 518 4.70 -15.96 -12.15
CA PHE A 518 3.93 -17.16 -11.84
C PHE A 518 3.03 -17.53 -13.00
N LEU A 519 2.34 -16.54 -13.57
CA LEU A 519 1.46 -16.79 -14.70
C LEU A 519 2.24 -17.34 -15.88
N LEU A 520 3.42 -16.77 -16.16
CA LEU A 520 4.21 -17.26 -17.29
C LEU A 520 4.70 -18.68 -17.05
N VAL A 521 5.12 -19.00 -15.83
CA VAL A 521 5.59 -20.35 -15.53
C VAL A 521 4.47 -21.36 -15.75
N ILE A 522 3.26 -21.02 -15.30
CA ILE A 522 2.13 -21.91 -15.55
C ILE A 522 1.82 -22.00 -17.05
N LEU A 523 1.81 -20.85 -17.73
CA LEU A 523 1.37 -20.80 -19.11
C LEU A 523 2.33 -21.54 -20.04
N ARG A 524 3.61 -21.62 -19.67
CA ARG A 524 4.56 -22.39 -20.46
C ARG A 524 4.07 -23.83 -20.63
N ASP A 525 3.89 -24.54 -19.51
CA ASP A 525 3.38 -25.90 -19.57
C ASP A 525 1.97 -25.96 -20.13
N MET A 526 1.16 -24.93 -19.86
CA MET A 526 -0.19 -24.92 -20.40
C MET A 526 -0.19 -24.96 -21.93
N VAL A 527 0.67 -24.16 -22.55
CA VAL A 527 0.68 -24.12 -24.01
C VAL A 527 1.51 -25.27 -24.57
N ASP A 528 2.42 -25.84 -23.79
CA ASP A 528 3.15 -27.01 -24.27
C ASP A 528 2.26 -28.23 -24.32
N THR A 529 1.42 -28.43 -23.29
CA THR A 529 0.50 -29.56 -23.30
C THR A 529 -0.53 -29.45 -24.42
N TYR A 530 -1.05 -28.25 -24.65
CA TYR A 530 -2.07 -28.05 -25.67
C TYR A 530 -1.48 -27.27 -26.83
N PRO A 531 -1.16 -27.92 -27.97
CA PRO A 531 -0.50 -27.20 -29.07
C PRO A 531 -1.40 -26.24 -29.83
N ASP A 532 -2.70 -26.21 -29.54
CA ASP A 532 -3.63 -25.35 -30.26
C ASP A 532 -3.82 -24.00 -29.58
N LEU A 533 -3.10 -23.71 -28.50
CA LEU A 533 -3.19 -22.43 -27.82
C LEU A 533 -2.07 -21.52 -28.29
N HIS A 534 -2.30 -20.21 -28.18
CA HIS A 534 -1.32 -19.22 -28.60
C HIS A 534 -1.06 -18.24 -27.47
N VAL A 535 0.14 -18.34 -26.90
CA VAL A 535 0.62 -17.46 -25.84
C VAL A 535 1.48 -16.38 -26.45
N ILE A 536 1.27 -15.14 -26.04
CA ILE A 536 2.00 -13.99 -26.55
C ILE A 536 2.60 -13.28 -25.34
N LEU A 537 3.91 -13.03 -25.38
CA LEU A 537 4.57 -12.20 -24.38
C LEU A 537 4.98 -10.88 -25.01
N MET A 538 4.66 -9.78 -24.32
CA MET A 538 4.94 -8.45 -24.82
C MET A 538 5.92 -7.75 -23.90
N SER A 539 6.87 -7.04 -24.49
CA SER A 539 7.87 -6.26 -23.77
C SER A 539 7.93 -4.86 -24.37
N ALA A 540 8.77 -4.00 -23.78
CA ALA A 540 8.98 -2.66 -24.32
C ALA A 540 10.40 -2.45 -24.80
N THR A 541 11.40 -2.60 -23.93
CA THR A 541 12.80 -2.50 -24.34
C THR A 541 13.62 -3.30 -23.32
N ILE A 542 13.92 -4.55 -23.68
CA ILE A 542 14.57 -5.48 -22.76
C ILE A 542 15.22 -6.57 -23.60
N ASP A 543 16.35 -7.08 -23.13
CA ASP A 543 17.02 -8.17 -23.82
C ASP A 543 16.21 -9.45 -23.66
N THR A 544 15.29 -9.68 -24.60
CA THR A 544 14.31 -10.76 -24.61
C THR A 544 14.92 -12.12 -24.88
N THR A 545 16.25 -12.21 -24.93
CA THR A 545 16.92 -13.47 -25.24
C THR A 545 16.60 -14.52 -24.18
N LYS A 546 16.63 -14.14 -22.90
CA LYS A 546 16.32 -15.10 -21.85
C LYS A 546 14.86 -15.57 -21.94
N PHE A 547 13.95 -14.65 -22.22
CA PHE A 547 12.54 -15.03 -22.38
C PHE A 547 12.38 -16.03 -23.52
N SER A 548 13.04 -15.78 -24.65
CA SER A 548 12.95 -16.72 -25.76
C SER A 548 13.57 -18.06 -25.39
N LYS A 549 14.73 -18.04 -24.73
CA LYS A 549 15.40 -19.27 -24.35
C LYS A 549 14.53 -20.10 -23.42
N TYR A 550 13.74 -19.44 -22.56
CA TYR A 550 12.89 -20.19 -21.63
C TYR A 550 11.88 -21.05 -22.38
N PHE A 551 11.26 -20.51 -23.44
CA PHE A 551 10.28 -21.25 -24.21
C PHE A 551 10.92 -21.97 -25.41
N GLY A 552 11.98 -22.73 -25.14
CA GLY A 552 12.60 -23.52 -26.19
C GLY A 552 13.07 -22.72 -27.38
N ILE A 553 13.66 -21.55 -27.16
CA ILE A 553 14.12 -20.65 -28.21
C ILE A 553 12.95 -20.34 -29.14
N CYS A 554 12.03 -19.52 -28.67
CA CYS A 554 10.89 -19.09 -29.46
C CYS A 554 11.24 -17.84 -30.25
N PRO A 555 10.54 -17.58 -31.35
CA PRO A 555 10.88 -16.41 -32.18
C PRO A 555 10.75 -15.10 -31.41
N VAL A 556 11.64 -14.17 -31.70
CA VAL A 556 11.63 -12.84 -31.10
C VAL A 556 11.39 -11.85 -32.22
N LEU A 557 10.14 -11.44 -32.39
CA LEU A 557 9.82 -10.47 -33.42
C LEU A 557 10.30 -9.09 -33.00
N GLU A 558 10.22 -8.16 -33.94
CA GLU A 558 10.69 -6.79 -33.72
C GLU A 558 9.76 -5.81 -34.43
N VAL A 559 9.66 -4.60 -33.89
CA VAL A 559 8.86 -3.54 -34.47
C VAL A 559 9.82 -2.46 -34.95
N PRO A 560 9.62 -1.88 -36.14
CA PRO A 560 10.50 -0.79 -36.56
C PRO A 560 10.24 0.47 -35.77
N GLY A 561 11.15 0.79 -34.85
CA GLY A 561 10.95 1.93 -33.98
C GLY A 561 11.72 3.16 -34.42
N ARG A 562 11.02 4.12 -35.03
CA ARG A 562 11.64 5.39 -35.36
C ARG A 562 12.03 6.10 -34.07
N ALA A 563 13.24 6.65 -34.04
CA ALA A 563 13.75 7.28 -32.83
C ALA A 563 14.82 8.27 -33.20
N PHE A 564 15.14 9.15 -32.25
CA PHE A 564 16.23 10.08 -32.39
C PHE A 564 16.87 10.20 -31.01
N PRO A 565 18.16 9.89 -30.89
CA PRO A 565 18.80 9.98 -29.57
C PRO A 565 18.73 11.39 -29.01
N VAL A 566 18.49 11.49 -27.71
CA VAL A 566 18.27 12.76 -27.06
C VAL A 566 19.57 13.20 -26.38
N GLN A 567 19.70 14.51 -26.19
CA GLN A 567 20.85 15.06 -25.49
C GLN A 567 20.74 14.71 -24.02
N GLN A 568 21.77 14.05 -23.49
CA GLN A 568 21.78 13.63 -22.10
C GLN A 568 22.71 14.53 -21.30
N PHE A 569 22.17 15.12 -20.23
CA PHE A 569 22.92 16.04 -19.39
C PHE A 569 22.86 15.55 -17.95
N PHE A 570 23.90 15.86 -17.18
CA PHE A 570 24.03 15.43 -15.81
C PHE A 570 24.26 16.65 -14.92
N LEU A 571 24.58 16.41 -13.65
CA LEU A 571 24.77 17.53 -12.72
C LEU A 571 25.94 18.40 -13.13
N GLU A 572 27.01 17.79 -13.66
CA GLU A 572 28.11 18.61 -14.16
C GLU A 572 27.68 19.42 -15.38
N ASP A 573 26.89 18.83 -16.26
CA ASP A 573 26.40 19.57 -17.42
C ASP A 573 25.51 20.73 -17.00
N ILE A 574 24.63 20.52 -16.02
CA ILE A 574 23.75 21.60 -15.62
C ILE A 574 24.49 22.64 -14.79
N ILE A 575 25.55 22.25 -14.08
CA ILE A 575 26.36 23.25 -13.40
C ILE A 575 27.14 24.07 -14.42
N GLN A 576 27.55 23.46 -15.53
CA GLN A 576 28.17 24.21 -16.61
C GLN A 576 27.17 25.17 -17.25
N MET A 577 25.93 24.72 -17.41
CA MET A 577 24.90 25.49 -18.10
C MET A 577 24.33 26.63 -17.27
N THR A 578 23.68 26.31 -16.14
CA THR A 578 22.94 27.30 -15.37
C THR A 578 23.06 27.05 -13.87
N ASP A 579 24.26 26.71 -13.40
CA ASP A 579 24.60 26.60 -11.98
C ASP A 579 23.99 25.35 -11.35
N PHE A 580 24.78 24.62 -10.55
CA PHE A 580 24.23 23.52 -9.77
C PHE A 580 25.17 23.19 -8.61
N VAL A 581 24.88 23.74 -7.42
CA VAL A 581 25.50 23.30 -6.16
C VAL A 581 24.55 23.55 -4.99
N PRO A 582 24.12 24.79 -4.69
CA PRO A 582 23.32 25.03 -3.48
C PRO A 582 21.97 24.34 -3.53
N SER A 583 21.30 24.37 -2.39
CA SER A 583 19.98 23.76 -2.21
C SER A 583 19.20 24.58 -1.19
N ALA A 584 18.11 24.00 -0.68
CA ALA A 584 17.29 24.64 0.33
C ALA A 584 17.94 24.44 1.70
N GLU A 585 18.49 25.52 2.25
CA GLU A 585 19.25 25.43 3.49
C GLU A 585 18.37 25.00 4.66
N SER A 601 20.82 1.27 13.25
CA SER A 601 19.71 1.62 12.32
C SER A 601 19.66 3.15 12.17
N GLU A 602 19.53 3.88 13.28
CA GLU A 602 19.50 5.38 13.26
C GLU A 602 20.41 5.88 12.13
N ASP A 603 21.73 5.80 12.31
CA ASP A 603 22.65 6.18 11.20
C ASP A 603 23.19 4.88 10.59
N LYS A 604 24.51 4.76 10.38
CA LYS A 604 25.03 3.47 9.87
C LYS A 604 26.56 3.40 9.90
N ASP A 605 27.15 2.70 8.94
CA ASP A 605 28.59 2.44 8.89
C ASP A 605 29.23 3.35 7.84
N GLU A 606 30.49 3.07 7.50
CA GLU A 606 31.21 3.83 6.49
C GLU A 606 31.05 3.25 5.09
N ALA A 607 30.27 2.18 4.95
CA ALA A 607 30.08 1.57 3.64
C ALA A 607 29.33 2.47 2.67
N GLU A 608 28.60 3.47 3.17
CA GLU A 608 27.89 4.39 2.30
C GLU A 608 28.87 5.33 1.62
N ILE A 609 28.71 5.51 0.31
CA ILE A 609 29.60 6.35 -0.49
C ILE A 609 28.78 7.50 -1.07
N ASN A 610 29.23 8.73 -0.83
CA ASN A 610 28.59 9.92 -1.38
C ASN A 610 29.37 10.32 -2.63
N TYR A 611 28.87 9.86 -3.79
CA TYR A 611 29.55 10.17 -5.05
C TYR A 611 29.50 11.65 -5.39
N ASN A 612 28.57 12.40 -4.80
CA ASN A 612 28.52 13.84 -5.04
C ASN A 612 29.79 14.52 -4.56
N LYS A 613 30.30 14.11 -3.40
CA LYS A 613 31.47 14.73 -2.81
C LYS A 613 32.78 14.08 -3.26
N VAL A 614 32.72 13.08 -4.12
CA VAL A 614 33.91 12.37 -4.61
C VAL A 614 34.00 12.65 -6.11
N CYS A 615 34.73 13.71 -6.47
CA CYS A 615 34.90 14.11 -7.86
C CYS A 615 35.97 15.17 -7.93
N GLU A 616 36.43 15.46 -9.15
CA GLU A 616 37.42 16.49 -9.39
C GLU A 616 36.75 17.73 -9.98
N ASP A 617 37.28 18.90 -9.61
CA ASP A 617 36.71 20.17 -10.04
C ASP A 617 37.37 20.64 -11.35
N LYS A 618 37.31 19.77 -12.35
CA LYS A 618 37.76 20.10 -13.70
C LYS A 618 36.65 20.74 -14.53
N TYR A 619 35.47 20.93 -13.95
CA TYR A 619 34.31 21.43 -14.64
C TYR A 619 34.25 22.95 -14.53
N SER A 620 33.09 23.54 -14.77
CA SER A 620 32.93 24.99 -14.88
C SER A 620 32.99 25.62 -13.49
N GLN A 621 32.54 26.87 -13.39
CA GLN A 621 32.68 27.67 -12.19
C GLN A 621 31.78 27.16 -11.08
N LYS A 622 32.16 26.01 -10.50
CA LYS A 622 31.37 25.40 -9.44
C LYS A 622 31.24 26.33 -8.24
N THR A 623 32.35 26.98 -7.86
CA THR A 623 32.32 27.90 -6.73
C THR A 623 31.44 29.12 -7.04
N ARG A 624 31.50 29.64 -8.26
CA ARG A 624 30.65 30.77 -8.62
C ARG A 624 29.18 30.39 -8.56
N ASN A 625 28.84 29.21 -9.06
CA ASN A 625 27.46 28.75 -9.00
C ASN A 625 27.01 28.57 -7.55
N ALA A 626 27.89 28.01 -6.71
CA ALA A 626 27.57 27.83 -5.29
C ALA A 626 27.32 29.16 -4.61
N MET A 627 28.21 30.13 -4.84
CA MET A 627 28.05 31.43 -4.21
C MET A 627 26.90 32.23 -4.79
N ALA A 628 26.44 31.91 -6.01
CA ALA A 628 25.28 32.61 -6.54
C ALA A 628 23.97 32.02 -6.02
N MET A 629 23.66 30.79 -6.42
CA MET A 629 22.40 30.16 -6.01
C MET A 629 22.27 28.78 -6.65
N LEU A 630 21.37 27.97 -6.08
CA LEU A 630 20.71 26.84 -6.75
C LEU A 630 19.76 26.19 -5.76
N SER A 631 18.98 25.23 -6.26
CA SER A 631 18.05 24.43 -5.47
C SER A 631 17.90 23.08 -6.14
N GLU A 632 18.58 22.06 -5.59
CA GLU A 632 18.64 20.75 -6.24
C GLU A 632 17.56 19.80 -5.75
N SER A 633 17.52 19.49 -4.44
CA SER A 633 16.57 18.51 -3.92
C SER A 633 15.14 18.96 -4.19
N ASP A 634 14.85 20.23 -3.92
CA ASP A 634 13.58 20.81 -4.32
C ASP A 634 13.80 21.65 -5.56
N VAL A 635 13.01 21.39 -6.61
CA VAL A 635 13.17 22.13 -7.85
C VAL A 635 12.82 23.60 -7.61
N SER A 636 13.36 24.47 -8.47
CA SER A 636 13.11 25.89 -8.34
C SER A 636 12.95 26.52 -9.71
N PHE A 637 12.99 27.86 -9.76
CA PHE A 637 12.91 28.56 -11.04
C PHE A 637 14.04 28.16 -11.98
N GLU A 638 15.15 27.67 -11.45
CA GLU A 638 16.34 27.45 -12.27
C GLU A 638 16.10 26.46 -13.39
N LEU A 639 15.58 25.27 -13.06
CA LEU A 639 15.44 24.22 -14.07
C LEU A 639 14.43 24.62 -15.13
N LEU A 640 13.24 25.08 -14.69
CA LEU A 640 12.20 25.43 -15.65
C LEU A 640 12.62 26.62 -16.50
N GLU A 641 13.30 27.60 -15.92
CA GLU A 641 13.73 28.75 -16.69
C GLU A 641 14.85 28.39 -17.66
N ALA A 642 15.74 27.49 -17.25
CA ALA A 642 16.76 27.01 -18.18
C ALA A 642 16.13 26.30 -19.36
N LEU A 643 15.13 25.45 -19.10
CA LEU A 643 14.44 24.78 -20.18
C LEU A 643 13.71 25.79 -21.07
N LEU A 644 13.08 26.79 -20.46
CA LEU A 644 12.36 27.80 -21.22
C LEU A 644 13.31 28.60 -22.12
N MET A 645 14.45 29.01 -21.59
CA MET A 645 15.40 29.77 -22.40
C MET A 645 16.02 28.90 -23.48
N HIS A 646 16.27 27.63 -23.18
CA HIS A 646 16.77 26.72 -24.19
C HIS A 646 15.76 26.58 -25.32
N ILE A 647 14.48 26.45 -24.98
CA ILE A 647 13.43 26.35 -26.01
C ILE A 647 13.38 27.63 -26.83
N LYS A 648 13.41 28.78 -26.16
CA LYS A 648 13.21 30.05 -26.87
C LYS A 648 14.43 30.45 -27.68
N SER A 649 15.61 29.90 -27.37
CA SER A 649 16.81 30.23 -28.11
C SER A 649 17.16 29.20 -29.17
N LYS A 650 16.77 27.94 -28.98
CA LYS A 650 17.03 26.89 -29.96
C LYS A 650 15.77 26.47 -30.71
N ASN A 651 14.63 27.11 -30.44
CA ASN A 651 13.38 26.86 -31.14
C ASN A 651 12.97 25.40 -31.07
N ILE A 652 12.72 24.95 -29.84
CA ILE A 652 12.28 23.58 -29.60
C ILE A 652 11.05 23.57 -28.71
N PRO A 653 9.89 23.99 -29.20
CA PRO A 653 8.67 23.86 -28.41
C PRO A 653 8.30 22.39 -28.22
N GLY A 654 8.13 21.99 -26.97
CA GLY A 654 7.83 20.61 -26.67
C GLY A 654 7.42 20.45 -25.22
N ALA A 655 6.82 19.30 -24.94
CA ALA A 655 6.29 19.04 -23.61
C ALA A 655 7.42 18.88 -22.60
N ILE A 656 7.07 19.08 -21.33
CA ILE A 656 8.01 18.98 -20.23
C ILE A 656 7.57 17.81 -19.36
N LEU A 657 8.50 16.89 -19.09
CA LEU A 657 8.19 15.66 -18.38
C LEU A 657 9.16 15.48 -17.22
N VAL A 658 8.63 15.12 -16.05
CA VAL A 658 9.43 14.86 -14.87
C VAL A 658 8.96 13.56 -14.25
N PHE A 659 9.86 12.85 -13.57
CA PHE A 659 9.56 11.57 -12.93
C PHE A 659 9.84 11.70 -11.44
N LEU A 660 8.85 12.22 -10.70
CA LEU A 660 8.96 12.26 -9.26
C LEU A 660 8.62 10.88 -8.67
N PRO A 661 9.24 10.51 -7.55
CA PRO A 661 9.09 9.14 -7.06
C PRO A 661 7.72 8.81 -6.50
N GLY A 662 7.14 9.69 -5.69
CA GLY A 662 5.94 9.35 -4.95
C GLY A 662 4.86 10.39 -5.11
N TRP A 663 3.64 9.98 -4.78
CA TRP A 663 2.49 10.87 -4.87
C TRP A 663 2.57 12.00 -3.85
N ASN A 664 3.14 11.71 -2.67
CA ASN A 664 3.30 12.75 -1.65
C ASN A 664 4.21 13.86 -2.15
N LEU A 665 5.37 13.48 -2.69
CA LEU A 665 6.28 14.47 -3.26
C LEU A 665 5.66 15.16 -4.46
N ILE A 666 4.87 14.43 -5.24
CA ILE A 666 4.17 15.03 -6.37
C ILE A 666 3.27 16.16 -5.89
N PHE A 667 2.46 15.88 -4.87
CA PHE A 667 1.55 16.90 -4.33
C PHE A 667 2.34 18.07 -3.75
N ALA A 668 3.42 17.78 -3.03
CA ALA A 668 4.21 18.85 -2.42
C ALA A 668 4.80 19.76 -3.49
N LEU A 669 5.36 19.18 -4.55
CA LEU A 669 5.97 20.00 -5.60
C LEU A 669 4.91 20.74 -6.40
N MET A 670 3.73 20.13 -6.59
CA MET A 670 2.65 20.84 -7.24
C MET A 670 2.20 22.05 -6.43
N LYS A 671 2.09 21.89 -5.11
CA LYS A 671 1.75 23.01 -4.25
C LYS A 671 2.83 24.08 -4.30
N PHE A 672 4.10 23.67 -4.28
CA PHE A 672 5.20 24.63 -4.36
C PHE A 672 5.16 25.42 -5.65
N LEU A 673 4.92 24.73 -6.77
CA LEU A 673 4.88 25.42 -8.06
C LEU A 673 3.65 26.30 -8.20
N GLN A 674 2.54 25.92 -7.57
CA GLN A 674 1.37 26.80 -7.52
C GLN A 674 1.65 28.03 -6.69
N ASN A 675 2.41 27.89 -5.59
CA ASN A 675 2.84 29.06 -4.84
C ASN A 675 3.70 29.98 -5.70
N THR A 676 4.61 29.39 -6.48
CA THR A 676 5.43 30.13 -7.43
C THR A 676 4.70 30.21 -8.78
N ASN A 677 3.50 30.78 -8.73
CA ASN A 677 2.61 30.75 -9.90
C ASN A 677 3.09 31.68 -11.01
N ILE A 678 4.09 32.52 -10.75
CA ILE A 678 4.67 33.33 -11.83
C ILE A 678 5.24 32.41 -12.91
N PHE A 679 5.97 31.39 -12.49
CA PHE A 679 6.39 30.32 -13.38
C PHE A 679 5.55 29.07 -13.22
N GLY A 680 4.58 29.09 -12.31
CA GLY A 680 3.61 28.03 -12.18
C GLY A 680 2.30 28.39 -12.82
N ASP A 681 2.34 29.39 -13.71
CA ASP A 681 1.15 29.88 -14.38
C ASP A 681 0.64 28.81 -15.35
N THR A 682 -0.45 28.14 -14.97
CA THR A 682 -0.99 27.07 -15.81
C THR A 682 -1.48 27.57 -17.15
N SER A 683 -1.81 28.86 -17.25
CA SER A 683 -2.25 29.40 -18.53
C SER A 683 -1.14 29.33 -19.57
N GLN A 684 0.10 29.58 -19.16
CA GLN A 684 1.26 29.49 -20.03
C GLN A 684 2.09 28.24 -19.77
N TYR A 685 2.09 27.72 -18.55
CA TYR A 685 2.86 26.55 -18.17
C TYR A 685 1.88 25.54 -17.57
N GLN A 686 1.25 24.76 -18.44
CA GLN A 686 0.23 23.80 -18.01
C GLN A 686 0.86 22.70 -17.17
N ILE A 687 0.20 22.37 -16.05
CA ILE A 687 0.69 21.39 -15.10
C ILE A 687 -0.40 20.37 -14.87
N LEU A 688 -0.05 19.08 -14.98
CA LEU A 688 -1.00 18.00 -14.75
C LEU A 688 -0.26 16.86 -14.07
N PRO A 689 -0.82 16.30 -13.00
CA PRO A 689 -0.24 15.10 -12.39
C PRO A 689 -0.75 13.84 -13.09
N CYS A 690 -0.15 12.71 -12.72
CA CYS A 690 -0.54 11.42 -13.29
C CYS A 690 -0.13 10.33 -12.31
N HIS A 691 -1.11 9.71 -11.67
CA HIS A 691 -0.85 8.66 -10.70
C HIS A 691 -2.12 7.83 -10.54
N SER A 692 -1.96 6.66 -9.90
CA SER A 692 -3.09 5.76 -9.70
C SER A 692 -4.15 6.39 -8.78
N GLN A 693 -3.71 7.07 -7.73
CA GLN A 693 -4.63 7.54 -6.71
C GLN A 693 -5.62 8.55 -7.28
N ILE A 694 -5.15 9.46 -8.14
CA ILE A 694 -5.99 10.54 -8.65
C ILE A 694 -7.07 9.95 -9.56
N PRO A 695 -8.22 10.60 -9.69
CA PRO A 695 -9.31 10.03 -10.51
C PRO A 695 -8.93 9.97 -11.98
N ARG A 696 -9.70 9.19 -12.73
CA ARG A 696 -9.46 9.04 -14.16
C ARG A 696 -9.64 10.35 -14.92
N ASP A 697 -10.27 11.35 -14.31
CA ASP A 697 -10.40 12.64 -14.97
C ASP A 697 -9.04 13.24 -15.28
N GLU A 698 -8.11 13.19 -14.33
CA GLU A 698 -6.77 13.71 -14.57
C GLU A 698 -6.04 12.91 -15.64
N GLN A 699 -6.21 11.58 -15.63
CA GLN A 699 -5.57 10.74 -16.64
C GLN A 699 -6.07 11.10 -18.04
N ARG A 700 -7.39 11.28 -18.20
CA ARG A 700 -7.91 11.62 -19.51
C ARG A 700 -7.64 13.07 -19.90
N LYS A 701 -7.42 13.95 -18.91
CA LYS A 701 -7.03 15.31 -19.22
C LYS A 701 -5.57 15.39 -19.67
N VAL A 702 -4.74 14.47 -19.17
CA VAL A 702 -3.32 14.46 -19.55
C VAL A 702 -3.17 14.28 -21.05
N PHE A 703 -3.93 13.37 -21.63
CA PHE A 703 -3.83 13.10 -23.06
C PHE A 703 -4.34 14.26 -23.91
N GLU A 704 -5.14 15.15 -23.34
CA GLU A 704 -5.72 16.25 -24.12
C GLU A 704 -4.64 17.25 -24.48
N PRO A 705 -4.39 17.51 -25.76
CA PRO A 705 -3.35 18.47 -26.14
C PRO A 705 -3.77 19.90 -25.85
N VAL A 706 -2.78 20.78 -25.78
CA VAL A 706 -2.99 22.20 -25.57
C VAL A 706 -2.24 22.97 -26.65
N PRO A 707 -2.66 24.20 -26.97
CA PRO A 707 -1.95 24.98 -28.00
C PRO A 707 -0.53 25.32 -27.56
N GLU A 708 0.33 25.49 -28.57
CA GLU A 708 1.72 25.85 -28.31
C GLU A 708 1.80 27.20 -27.62
N GLY A 709 2.79 27.35 -26.75
CA GLY A 709 2.90 28.50 -25.87
C GLY A 709 2.42 28.15 -24.49
N VAL A 710 1.36 27.34 -24.41
CA VAL A 710 0.91 26.76 -23.15
C VAL A 710 1.73 25.49 -22.94
N THR A 711 2.91 25.64 -22.36
CA THR A 711 3.82 24.51 -22.19
C THR A 711 3.24 23.51 -21.20
N LYS A 712 3.36 22.24 -21.54
CA LYS A 712 2.86 21.16 -20.70
C LYS A 712 3.98 20.65 -19.82
N ILE A 713 3.82 20.80 -18.51
CA ILE A 713 4.79 20.28 -17.55
C ILE A 713 4.14 19.10 -16.83
N ILE A 714 4.38 17.89 -17.32
CA ILE A 714 3.72 16.70 -16.81
C ILE A 714 4.49 16.20 -15.61
N LEU A 715 3.80 16.06 -14.48
CA LEU A 715 4.37 15.47 -13.28
C LEU A 715 3.80 14.06 -13.13
N SER A 716 4.68 13.08 -12.97
CA SER A 716 4.26 11.69 -12.97
C SER A 716 5.26 10.85 -12.20
N THR A 717 5.18 9.54 -12.39
CA THR A 717 6.02 8.57 -11.70
C THR A 717 6.23 7.39 -12.64
N ASN A 718 6.63 6.25 -12.09
CA ASN A 718 6.90 5.06 -12.90
C ASN A 718 5.71 4.67 -13.79
N ILE A 719 4.51 5.17 -13.50
CA ILE A 719 3.35 4.84 -14.31
C ILE A 719 3.50 5.38 -15.72
N ALA A 720 3.95 6.63 -15.86
CA ALA A 720 4.10 7.23 -17.19
C ALA A 720 5.27 6.65 -17.97
N GLU A 721 6.16 5.89 -17.33
CA GLU A 721 7.26 5.27 -18.04
C GLU A 721 6.77 4.19 -19.00
N THR A 722 5.62 3.59 -18.71
CA THR A 722 5.01 2.58 -19.57
C THR A 722 3.50 2.83 -19.60
N SER A 723 2.75 1.80 -20.00
CA SER A 723 1.29 1.84 -19.99
C SER A 723 0.76 2.95 -20.91
N ILE A 724 1.05 4.19 -20.58
CA ILE A 724 0.64 5.33 -21.39
C ILE A 724 1.89 6.12 -21.79
N THR A 725 1.73 6.93 -22.84
CA THR A 725 2.84 7.73 -23.35
C THR A 725 2.27 8.89 -24.16
N ILE A 726 2.64 10.11 -23.78
CA ILE A 726 2.22 11.31 -24.50
C ILE A 726 3.15 11.49 -25.68
N ASP A 727 2.56 11.80 -26.85
CA ASP A 727 3.35 11.90 -28.07
C ASP A 727 4.30 13.09 -28.04
N ASP A 728 3.92 14.18 -27.40
CA ASP A 728 4.63 15.45 -27.51
C ASP A 728 5.78 15.60 -26.52
N ILE A 729 6.08 14.57 -25.73
CA ILE A 729 7.15 14.68 -24.75
C ILE A 729 8.49 14.85 -25.46
N VAL A 730 9.26 15.85 -25.03
CA VAL A 730 10.54 16.16 -25.67
C VAL A 730 11.64 16.15 -24.62
N PHE A 731 11.45 16.93 -23.55
CA PHE A 731 12.46 17.09 -22.51
C PHE A 731 12.04 16.32 -21.27
N VAL A 732 12.89 15.41 -20.82
CA VAL A 732 12.63 14.59 -19.64
C VAL A 732 13.56 15.06 -18.53
N ILE A 733 12.97 15.39 -17.39
CA ILE A 733 13.73 15.78 -16.20
C ILE A 733 13.62 14.63 -15.21
N ASP A 734 14.57 13.71 -15.29
CA ASP A 734 14.57 12.52 -14.46
C ASP A 734 15.38 12.75 -13.19
N ILE A 735 15.01 12.02 -12.15
CA ILE A 735 15.73 12.07 -10.88
C ILE A 735 16.04 10.64 -10.44
N CYS A 736 15.69 9.67 -11.30
CA CYS A 736 15.82 8.24 -11.04
C CYS A 736 15.40 7.87 -9.63
N LYS A 737 14.24 8.37 -9.20
CA LYS A 737 13.69 8.08 -7.89
C LYS A 737 12.34 7.41 -8.05
N ALA A 738 12.12 6.33 -7.30
CA ALA A 738 10.88 5.57 -7.43
C ALA A 738 10.43 5.06 -6.06
N ARG A 739 9.13 4.83 -5.94
CA ARG A 739 8.55 4.33 -4.70
C ARG A 739 8.97 2.89 -4.44
N MET A 740 9.11 2.56 -3.15
CA MET A 740 9.61 1.27 -2.71
C MET A 740 8.74 0.75 -1.55
N LYS A 741 7.42 0.69 -1.77
CA LYS A 741 6.48 0.33 -0.71
C LYS A 741 6.66 -1.15 -0.39
N LEU A 742 7.70 -1.45 0.38
CA LEU A 742 8.06 -2.80 0.74
C LEU A 742 7.60 -3.12 2.16
N PHE A 743 7.01 -4.30 2.31
CA PHE A 743 6.55 -4.79 3.60
C PHE A 743 7.60 -5.77 4.12
N THR A 744 8.15 -5.48 5.29
CA THR A 744 9.17 -6.33 5.90
C THR A 744 8.49 -7.30 6.84
N SER A 745 8.03 -8.43 6.28
CA SER A 745 7.27 -9.40 7.06
C SER A 745 8.12 -10.08 8.13
N HIS A 746 9.45 -10.03 8.01
CA HIS A 746 10.31 -10.61 9.04
C HIS A 746 10.21 -9.85 10.36
N ASN A 747 9.77 -8.59 10.32
CA ASN A 747 9.53 -7.82 11.53
C ASN A 747 8.24 -7.01 11.49
N ASN A 748 7.50 -7.08 10.39
CA ASN A 748 6.22 -6.38 10.24
C ASN A 748 6.38 -4.86 10.31
N LEU A 749 7.35 -4.34 9.57
CA LEU A 749 7.54 -2.90 9.42
C LEU A 749 7.32 -2.54 7.96
N THR A 750 6.51 -1.51 7.72
CA THR A 750 6.28 -1.00 6.38
C THR A 750 7.25 0.15 6.10
N SER A 751 7.54 0.36 4.81
CA SER A 751 8.47 1.40 4.38
C SER A 751 8.02 1.88 3.00
N TYR A 752 7.36 3.03 2.96
CA TYR A 752 6.97 3.67 1.70
C TYR A 752 8.00 4.71 1.28
N ALA A 753 9.25 4.26 1.13
CA ALA A 753 10.37 5.16 0.91
C ALA A 753 10.61 5.36 -0.59
N THR A 754 11.73 6.00 -0.93
CA THR A 754 12.10 6.29 -2.30
C THR A 754 13.52 5.81 -2.54
N VAL A 755 13.72 5.07 -3.63
CA VAL A 755 15.02 4.46 -3.93
C VAL A 755 15.38 4.79 -5.37
N TRP A 756 16.69 4.72 -5.66
CA TRP A 756 17.20 5.02 -6.99
C TRP A 756 16.63 4.06 -8.03
N ALA A 757 16.38 4.57 -9.22
CA ALA A 757 15.92 3.73 -10.32
C ALA A 757 17.08 2.87 -10.84
N SER A 758 16.72 1.76 -11.48
CA SER A 758 17.73 0.88 -12.03
C SER A 758 18.34 1.47 -13.30
N LYS A 759 19.54 1.02 -13.62
CA LYS A 759 20.21 1.49 -14.83
C LYS A 759 19.41 1.14 -16.07
N THR A 760 18.79 -0.04 -16.09
CA THR A 760 17.87 -0.37 -17.17
C THR A 760 16.70 0.60 -17.22
N ASN A 761 16.09 0.87 -16.07
CA ASN A 761 14.98 1.83 -16.02
C ASN A 761 15.47 3.23 -16.37
N LEU A 762 16.67 3.59 -15.91
CA LEU A 762 17.20 4.91 -16.24
C LEU A 762 17.43 5.06 -17.73
N GLU A 763 17.95 4.01 -18.38
CA GLU A 763 18.13 4.03 -19.83
C GLU A 763 16.77 4.13 -20.53
N GLN A 764 15.78 3.41 -20.03
CA GLN A 764 14.44 3.49 -20.60
C GLN A 764 13.90 4.92 -20.50
N ARG A 765 14.08 5.55 -19.34
CA ARG A 765 13.64 6.93 -19.16
C ARG A 765 14.39 7.87 -20.10
N LYS A 766 15.69 7.64 -20.27
CA LYS A 766 16.46 8.40 -21.25
C LYS A 766 15.84 8.27 -22.64
N GLY A 767 15.46 7.06 -23.01
CA GLY A 767 14.78 6.83 -24.26
C GLY A 767 13.31 7.11 -24.25
N ARG A 768 12.72 7.41 -23.09
CA ARG A 768 11.29 7.66 -23.02
C ARG A 768 10.90 8.92 -23.76
N ALA A 769 11.81 9.89 -23.83
CA ALA A 769 11.53 11.13 -24.53
C ALA A 769 12.23 11.16 -25.89
N GLY A 770 11.88 12.15 -26.69
CA GLY A 770 12.49 12.34 -27.98
C GLY A 770 12.09 11.32 -29.03
N ARG A 771 10.83 11.38 -29.47
CA ARG A 771 10.36 10.49 -30.52
CA ARG A 771 10.36 10.49 -30.52
C ARG A 771 11.13 10.73 -31.81
N VAL A 772 10.96 11.91 -32.41
CA VAL A 772 11.69 12.31 -33.60
C VAL A 772 12.47 13.59 -33.38
N ARG A 773 11.89 14.56 -32.67
CA ARG A 773 12.58 15.78 -32.30
C ARG A 773 13.86 15.45 -31.53
N PRO A 774 14.80 16.40 -31.44
CA PRO A 774 16.06 16.13 -30.73
C PRO A 774 15.87 15.50 -29.36
N GLY A 775 15.09 16.15 -28.50
CA GLY A 775 14.87 15.63 -27.16
C GLY A 775 16.05 15.87 -26.25
N PHE A 776 15.78 16.04 -24.96
CA PHE A 776 16.84 16.34 -24.01
C PHE A 776 16.59 15.56 -22.72
N CYS A 777 17.64 14.95 -22.18
CA CYS A 777 17.57 14.19 -20.94
C CYS A 777 18.33 14.94 -19.87
N PHE A 778 17.60 15.56 -18.94
CA PHE A 778 18.19 16.34 -17.86
C PHE A 778 18.30 15.47 -16.61
N THR A 779 19.18 14.47 -16.67
CA THR A 779 19.38 13.59 -15.53
C THR A 779 20.05 14.36 -14.41
N LEU A 780 19.46 14.30 -13.21
CA LEU A 780 19.99 15.01 -12.05
C LEU A 780 20.86 14.10 -11.19
N CYS A 781 21.87 13.48 -11.82
CA CYS A 781 22.80 12.63 -11.10
C CYS A 781 24.17 12.70 -11.78
N SER A 782 25.21 12.38 -11.03
CA SER A 782 26.57 12.41 -11.54
C SER A 782 26.84 11.15 -12.36
N ARG A 783 27.93 11.18 -13.12
CA ARG A 783 28.34 9.98 -13.86
C ARG A 783 28.76 8.87 -12.90
N ALA A 784 29.28 9.24 -11.74
CA ALA A 784 29.71 8.23 -10.77
C ALA A 784 28.55 7.36 -10.33
N ARG A 785 27.46 8.00 -9.87
CA ARG A 785 26.26 7.23 -9.54
C ARG A 785 25.63 6.61 -10.77
N PHE A 786 25.80 7.25 -11.93
CA PHE A 786 25.22 6.74 -13.17
C PHE A 786 25.78 5.38 -13.51
N GLN A 787 27.08 5.19 -13.32
CA GLN A 787 27.72 3.90 -13.57
C GLN A 787 27.85 3.04 -12.32
N ALA A 788 27.51 3.57 -11.15
CA ALA A 788 27.72 2.83 -9.91
C ALA A 788 26.52 1.98 -9.50
N LEU A 789 25.31 2.44 -9.77
CA LEU A 789 24.13 1.69 -9.34
C LEU A 789 23.97 0.41 -10.16
N GLU A 790 23.16 -0.50 -9.64
CA GLU A 790 22.97 -1.79 -10.28
C GLU A 790 22.34 -1.62 -11.67
N ASP A 791 22.81 -2.44 -12.62
CA ASP A 791 22.32 -2.33 -13.99
C ASP A 791 20.83 -2.64 -14.08
N ASN A 792 20.38 -3.69 -13.42
CA ASN A 792 18.99 -4.12 -13.47
C ASN A 792 18.32 -3.85 -12.12
N LEU A 793 17.06 -4.26 -12.01
CA LEU A 793 16.29 -4.12 -10.79
C LEU A 793 16.21 -5.46 -10.08
N THR A 794 16.29 -5.42 -8.75
CA THR A 794 16.30 -6.65 -7.97
C THR A 794 14.99 -7.40 -8.15
N PRO A 795 15.02 -8.70 -8.45
CA PRO A 795 13.77 -9.46 -8.62
C PRO A 795 12.95 -9.50 -7.34
N GLU A 796 11.76 -8.90 -7.37
CA GLU A 796 10.89 -8.92 -6.21
C GLU A 796 10.43 -10.32 -5.85
N MET A 797 10.38 -11.22 -6.83
CA MET A 797 10.05 -12.62 -6.55
C MET A 797 11.07 -13.27 -5.64
N PHE A 798 12.33 -12.82 -5.69
CA PHE A 798 13.36 -13.38 -4.82
C PHE A 798 13.08 -13.06 -3.36
N ARG A 799 12.68 -11.83 -3.07
CA ARG A 799 12.47 -11.37 -1.69
C ARG A 799 11.02 -10.90 -1.54
N THR A 800 10.14 -11.84 -1.21
CA THR A 800 8.74 -11.57 -0.97
C THR A 800 8.10 -12.81 -0.33
N PRO A 801 7.24 -12.65 0.67
CA PRO A 801 6.51 -13.80 1.20
C PRO A 801 5.63 -14.42 0.10
N LEU A 802 5.56 -15.75 0.11
CA LEU A 802 4.88 -16.49 -0.95
C LEU A 802 3.73 -17.34 -0.41
N HIS A 803 3.17 -16.97 0.75
CA HIS A 803 2.06 -17.74 1.29
C HIS A 803 0.84 -17.69 0.37
N GLU A 804 0.53 -16.51 -0.17
CA GLU A 804 -0.61 -16.38 -1.06
C GLU A 804 -0.40 -17.19 -2.34
N MET A 805 0.80 -17.12 -2.91
CA MET A 805 1.09 -17.91 -4.10
C MET A 805 1.12 -19.40 -3.79
N ALA A 806 1.56 -19.76 -2.59
CA ALA A 806 1.52 -21.17 -2.19
C ALA A 806 0.08 -21.67 -2.13
N LEU A 807 -0.82 -20.87 -1.56
CA LEU A 807 -2.23 -21.25 -1.55
C LEU A 807 -2.79 -21.33 -2.96
N THR A 808 -2.41 -20.38 -3.82
CA THR A 808 -2.88 -20.42 -5.21
C THR A 808 -2.42 -21.66 -5.93
N ILE A 809 -1.15 -22.05 -5.76
CA ILE A 809 -0.64 -23.23 -6.44
C ILE A 809 -1.28 -24.50 -5.89
N LYS A 810 -1.52 -24.55 -4.57
CA LYS A 810 -2.20 -25.70 -4.02
C LYS A 810 -3.66 -25.78 -4.44
N LEU A 811 -4.30 -24.64 -4.72
CA LEU A 811 -5.66 -24.66 -5.22
C LEU A 811 -5.76 -25.33 -6.58
N LEU A 812 -4.81 -25.04 -7.48
CA LEU A 812 -4.81 -25.61 -8.82
C LEU A 812 -4.17 -26.99 -8.89
N ARG A 813 -4.00 -27.65 -7.75
CA ARG A 813 -3.48 -29.02 -7.64
C ARG A 813 -2.25 -29.24 -8.53
N LEU A 814 -1.34 -28.27 -8.49
CA LEU A 814 -0.15 -28.29 -9.32
C LEU A 814 1.05 -28.94 -8.63
N GLY A 815 0.80 -29.90 -7.74
CA GLY A 815 1.89 -30.66 -7.15
C GLY A 815 2.69 -29.86 -6.14
N SER A 816 3.89 -30.36 -5.87
CA SER A 816 4.76 -29.76 -4.87
C SER A 816 5.15 -28.34 -5.26
N ILE A 817 5.15 -27.44 -4.29
CA ILE A 817 5.53 -26.05 -4.55
C ILE A 817 7.01 -25.96 -4.88
N HIS A 818 7.85 -26.77 -4.21
CA HIS A 818 9.29 -26.67 -4.42
C HIS A 818 9.66 -26.98 -5.87
N HIS A 819 9.10 -28.07 -6.42
CA HIS A 819 9.41 -28.42 -7.80
C HIS A 819 8.93 -27.34 -8.77
N PHE A 820 7.73 -26.82 -8.53
CA PHE A 820 7.19 -25.77 -9.40
C PHE A 820 8.07 -24.53 -9.36
N LEU A 821 8.52 -24.14 -8.18
CA LEU A 821 9.38 -22.96 -8.07
C LEU A 821 10.77 -23.23 -8.67
N SER A 822 11.23 -24.47 -8.62
CA SER A 822 12.46 -24.82 -9.31
C SER A 822 12.31 -24.67 -10.81
N LYS A 823 11.19 -25.11 -11.36
CA LYS A 823 10.95 -24.97 -12.80
C LYS A 823 10.30 -23.62 -13.12
N ALA A 824 10.89 -22.55 -12.60
CA ALA A 824 10.41 -21.20 -12.81
C ALA A 824 11.47 -20.39 -13.56
N LEU A 825 11.14 -19.12 -13.83
CA LEU A 825 12.08 -18.25 -14.51
C LEU A 825 13.36 -18.08 -13.69
N GLU A 826 13.20 -17.81 -12.39
CA GLU A 826 14.33 -17.70 -11.49
C GLU A 826 14.06 -18.61 -10.29
N PRO A 827 14.96 -19.52 -9.96
CA PRO A 827 14.78 -20.33 -8.76
C PRO A 827 14.79 -19.47 -7.52
N PRO A 828 13.65 -19.33 -6.85
CA PRO A 828 13.59 -18.46 -5.68
C PRO A 828 14.41 -19.04 -4.54
N PRO A 829 14.92 -18.20 -3.65
CA PRO A 829 15.67 -18.73 -2.50
C PRO A 829 14.78 -19.57 -1.60
N VAL A 830 15.41 -20.55 -0.95
CA VAL A 830 14.66 -21.51 -0.14
C VAL A 830 13.93 -20.83 1.02
N ASP A 831 14.39 -19.64 1.41
CA ASP A 831 13.75 -18.95 2.52
C ASP A 831 12.30 -18.59 2.23
N ALA A 832 12.00 -18.15 1.00
CA ALA A 832 10.64 -17.77 0.67
C ALA A 832 9.69 -18.95 0.69
N VAL A 833 10.10 -20.07 0.10
CA VAL A 833 9.24 -21.25 0.13
C VAL A 833 9.11 -21.78 1.55
N ILE A 834 10.18 -21.69 2.35
CA ILE A 834 10.12 -22.16 3.73
C ILE A 834 9.15 -21.30 4.54
N GLU A 835 9.19 -19.98 4.34
CA GLU A 835 8.28 -19.10 5.07
C GLU A 835 6.84 -19.29 4.62
N ALA A 836 6.62 -19.55 3.32
CA ALA A 836 5.28 -19.85 2.85
C ALA A 836 4.76 -21.14 3.49
N GLU A 837 5.62 -22.16 3.56
CA GLU A 837 5.24 -23.42 4.21
C GLU A 837 4.92 -23.20 5.68
N VAL A 838 5.74 -22.41 6.37
CA VAL A 838 5.51 -22.13 7.78
C VAL A 838 4.18 -21.42 7.99
N LEU A 839 3.91 -20.41 7.15
CA LEU A 839 2.65 -19.68 7.27
C LEU A 839 1.45 -20.59 7.00
N LEU A 840 1.56 -21.47 6.00
CA LEU A 840 0.45 -22.36 5.71
C LEU A 840 0.24 -23.38 6.81
N ARG A 841 1.33 -23.92 7.38
CA ARG A 841 1.19 -24.91 8.44
C ARG A 841 0.63 -24.29 9.71
N GLU A 842 1.15 -23.12 10.09
CA GLU A 842 0.69 -22.49 11.33
C GLU A 842 -0.73 -21.96 11.20
N MET A 843 -1.11 -21.50 10.01
CA MET A 843 -2.44 -20.95 9.80
C MET A 843 -3.47 -22.03 9.47
N ARG A 844 -3.05 -23.30 9.42
CA ARG A 844 -3.96 -24.43 9.21
C ARG A 844 -4.68 -24.37 7.87
N CYS A 845 -4.11 -23.65 6.90
CA CYS A 845 -4.68 -23.64 5.57
C CYS A 845 -4.25 -24.89 4.79
N LEU A 846 -2.94 -25.14 4.74
CA LEU A 846 -2.37 -26.32 4.13
C LEU A 846 -1.60 -27.09 5.19
N ASP A 847 -1.83 -28.40 5.26
CA ASP A 847 -1.11 -29.22 6.21
C ASP A 847 0.35 -29.37 5.79
N ALA A 848 1.20 -29.72 6.75
CA ALA A 848 2.62 -29.89 6.49
C ALA A 848 2.88 -31.04 5.52
N ASN A 849 1.92 -31.94 5.34
CA ASN A 849 2.04 -33.04 4.39
C ASN A 849 1.34 -32.73 3.08
N ASP A 850 1.40 -31.46 2.65
CA ASP A 850 0.85 -30.97 1.38
C ASP A 850 -0.58 -31.48 1.15
N GLU A 851 -1.36 -31.49 2.22
CA GLU A 851 -2.77 -31.84 2.16
C GLU A 851 -3.59 -30.59 2.44
N LEU A 852 -4.33 -30.14 1.44
CA LEU A 852 -5.11 -28.90 1.55
C LEU A 852 -6.38 -29.18 2.32
N THR A 853 -6.44 -28.71 3.56
CA THR A 853 -7.66 -28.82 4.36
C THR A 853 -8.74 -27.93 3.75
N PRO A 854 -10.01 -28.21 4.06
CA PRO A 854 -11.08 -27.37 3.52
C PRO A 854 -10.93 -25.90 3.89
N LEU A 855 -10.29 -25.60 5.02
CA LEU A 855 -10.01 -24.20 5.35
C LEU A 855 -9.14 -23.55 4.29
N GLY A 856 -8.07 -24.23 3.87
CA GLY A 856 -7.21 -23.65 2.85
C GLY A 856 -7.91 -23.50 1.52
N ARG A 857 -8.69 -24.51 1.13
CA ARG A 857 -9.42 -24.43 -0.13
C ARG A 857 -10.44 -23.29 -0.10
N LEU A 858 -11.07 -23.09 1.06
CA LEU A 858 -11.99 -21.97 1.21
C LEU A 858 -11.25 -20.64 1.11
N LEU A 859 -10.08 -20.54 1.74
CA LEU A 859 -9.33 -19.29 1.72
C LEU A 859 -8.86 -18.95 0.31
N ALA A 860 -8.46 -19.97 -0.46
CA ALA A 860 -7.89 -19.71 -1.78
C ALA A 860 -8.88 -18.98 -2.68
N ARG A 861 -10.14 -19.39 -2.67
CA ARG A 861 -11.14 -18.72 -3.51
C ARG A 861 -11.39 -17.30 -3.06
N LEU A 862 -11.16 -17.00 -1.79
CA LEU A 862 -11.42 -15.66 -1.28
C LEU A 862 -10.46 -14.67 -1.91
N PRO A 863 -10.95 -13.61 -2.53
CA PRO A 863 -10.08 -12.58 -3.10
C PRO A 863 -9.52 -11.62 -2.06
N ILE A 864 -9.08 -12.16 -0.93
CA ILE A 864 -8.49 -11.39 0.15
C ILE A 864 -7.33 -12.18 0.73
N GLU A 865 -6.46 -11.49 1.44
CA GLU A 865 -5.34 -12.15 2.10
C GLU A 865 -5.87 -13.10 3.17
N PRO A 866 -5.12 -14.16 3.50
CA PRO A 866 -5.60 -15.11 4.51
C PRO A 866 -5.84 -14.48 5.88
N ARG A 867 -5.10 -13.42 6.23
CA ARG A 867 -5.30 -12.77 7.51
C ARG A 867 -6.68 -12.16 7.65
N LEU A 868 -7.40 -11.96 6.55
CA LEU A 868 -8.79 -11.53 6.62
C LEU A 868 -9.77 -12.66 6.32
N GLY A 869 -9.34 -13.69 5.57
CA GLY A 869 -10.17 -14.86 5.43
C GLY A 869 -10.38 -15.57 6.75
N LYS A 870 -9.38 -15.55 7.64
CA LYS A 870 -9.53 -16.15 8.96
C LYS A 870 -10.63 -15.45 9.74
N MET A 871 -10.78 -14.14 9.55
CA MET A 871 -11.90 -13.42 10.16
C MET A 871 -13.21 -13.69 9.46
N MET A 872 -13.20 -13.77 8.13
CA MET A 872 -14.44 -14.02 7.41
C MET A 872 -15.02 -15.39 7.74
N VAL A 873 -14.17 -16.36 8.05
CA VAL A 873 -14.65 -17.67 8.48
C VAL A 873 -15.47 -17.55 9.76
N LEU A 874 -14.92 -16.86 10.76
CA LEU A 874 -15.62 -16.69 12.02
C LEU A 874 -16.76 -15.69 11.94
N GLY A 875 -16.81 -14.88 10.89
CA GLY A 875 -17.86 -13.88 10.79
C GLY A 875 -19.25 -14.46 10.85
N ALA A 876 -19.48 -15.56 10.13
CA ALA A 876 -20.79 -16.20 10.16
C ALA A 876 -20.97 -17.09 11.39
N VAL A 877 -19.87 -17.46 12.06
CA VAL A 877 -19.98 -18.33 13.24
C VAL A 877 -20.71 -17.61 14.36
N PHE A 878 -20.40 -16.34 14.59
CA PHE A 878 -20.98 -15.58 15.69
C PHE A 878 -22.14 -14.70 15.24
N GLY A 879 -22.72 -14.98 14.08
CA GLY A 879 -23.83 -14.18 13.60
C GLY A 879 -23.48 -12.73 13.35
N CYS A 880 -22.30 -12.47 12.78
CA CYS A 880 -21.87 -11.12 12.46
C CYS A 880 -21.17 -11.08 11.10
N ALA A 881 -21.66 -11.88 10.15
CA ALA A 881 -20.95 -12.02 8.88
C ALA A 881 -20.98 -10.72 8.07
N ASP A 882 -22.07 -9.98 8.15
CA ASP A 882 -22.13 -8.70 7.43
C ASP A 882 -21.05 -7.75 7.94
N LEU A 883 -20.87 -7.67 9.25
CA LEU A 883 -19.85 -6.79 9.81
C LEU A 883 -18.46 -7.23 9.37
N MET A 884 -18.21 -8.54 9.38
CA MET A 884 -16.89 -9.02 8.97
C MET A 884 -16.63 -8.76 7.49
N ALA A 885 -17.66 -8.94 6.64
CA ALA A 885 -17.49 -8.63 5.22
C ALA A 885 -17.16 -7.16 5.02
N ILE A 886 -17.91 -6.28 5.69
CA ILE A 886 -17.68 -4.85 5.53
C ILE A 886 -16.29 -4.47 6.01
N MET A 887 -15.86 -5.01 7.16
CA MET A 887 -14.56 -4.63 7.68
C MET A 887 -13.42 -5.19 6.82
N ALA A 888 -13.56 -6.42 6.34
CA ALA A 888 -12.52 -6.97 5.46
C ALA A 888 -12.42 -6.19 4.18
N SER A 889 -13.55 -5.79 3.60
CA SER A 889 -13.53 -4.97 2.40
C SER A 889 -12.89 -3.61 2.66
N TYR A 890 -13.19 -3.02 3.81
CA TYR A 890 -12.63 -1.70 4.11
C TYR A 890 -11.17 -1.78 4.49
N SER A 891 -10.69 -2.93 4.95
CA SER A 891 -9.31 -3.05 5.36
C SER A 891 -8.40 -3.48 4.22
N SER A 892 -8.69 -4.60 3.57
CA SER A 892 -7.82 -5.09 2.51
C SER A 892 -7.73 -4.11 1.35
N THR A 893 -8.87 -3.58 0.93
CA THR A 893 -8.90 -2.55 -0.11
C THR A 893 -8.52 -1.23 0.54
N PHE A 894 -7.24 -0.90 0.50
CA PHE A 894 -6.75 0.33 1.09
C PHE A 894 -7.46 1.52 0.47
N SER A 895 -8.30 2.20 1.25
CA SER A 895 -9.12 3.27 0.70
C SER A 895 -9.38 4.29 1.79
N GLU A 896 -9.72 5.50 1.36
CA GLU A 896 -10.06 6.58 2.27
C GLU A 896 -11.54 6.52 2.61
N VAL A 897 -11.85 6.67 3.91
CA VAL A 897 -13.22 6.54 4.36
C VAL A 897 -14.07 7.71 3.89
N PHE A 898 -13.55 8.93 3.98
CA PHE A 898 -14.33 10.13 3.75
C PHE A 898 -13.67 11.01 2.71
N SER A 899 -14.50 11.77 1.98
CA SER A 899 -14.03 12.68 0.94
C SER A 899 -13.61 13.98 1.60
N LEU A 900 -12.33 14.08 1.96
CA LEU A 900 -11.81 15.29 2.56
C LEU A 900 -11.85 16.45 1.56
N ASP A 901 -12.31 17.60 2.03
CA ASP A 901 -12.33 18.79 1.19
C ASP A 901 -10.96 19.46 1.18
N ILE A 902 -10.75 20.31 0.18
CA ILE A 902 -9.48 21.00 0.03
C ILE A 902 -9.27 21.95 1.21
N GLY A 903 -8.02 22.08 1.64
CA GLY A 903 -7.70 22.93 2.76
C GLY A 903 -8.13 22.42 4.11
N GLN A 904 -8.33 21.10 4.25
CA GLN A 904 -8.81 20.51 5.49
C GLN A 904 -7.69 19.76 6.18
N ARG A 905 -7.56 19.96 7.49
CA ARG A 905 -6.50 19.37 8.28
C ARG A 905 -6.96 18.35 9.32
N ARG A 906 -8.27 18.24 9.55
CA ARG A 906 -8.80 17.30 10.53
C ARG A 906 -10.08 16.70 9.94
N LEU A 907 -10.90 16.08 10.78
CA LEU A 907 -12.22 15.63 10.36
C LEU A 907 -13.27 16.61 10.88
N ALA A 908 -14.27 16.89 10.05
CA ALA A 908 -15.26 17.91 10.35
C ALA A 908 -16.18 17.42 11.47
N ASN A 909 -17.17 18.26 11.81
CA ASN A 909 -18.06 17.93 12.93
C ASN A 909 -18.84 16.65 12.66
N HIS A 910 -19.52 16.59 11.52
CA HIS A 910 -20.27 15.38 11.19
C HIS A 910 -19.35 14.22 10.85
N GLN A 911 -18.18 14.52 10.26
CA GLN A 911 -17.21 13.47 9.98
C GLN A 911 -16.74 12.77 11.25
N LYS A 912 -16.72 13.47 12.38
CA LYS A 912 -16.39 12.85 13.65
C LYS A 912 -17.60 12.33 14.39
N ALA A 913 -18.78 12.92 14.16
CA ALA A 913 -19.99 12.43 14.82
C ALA A 913 -20.50 11.14 14.20
N LEU A 914 -20.12 10.86 12.94
CA LEU A 914 -20.58 9.63 12.30
C LEU A 914 -20.09 8.40 13.04
N SER A 915 -18.90 8.47 13.64
CA SER A 915 -18.43 7.38 14.49
C SER A 915 -19.25 7.29 15.77
N GLY A 916 -19.94 8.37 16.13
CA GLY A 916 -20.84 8.35 17.27
C GLY A 916 -20.12 8.16 18.60
N THR A 917 -20.89 7.72 19.59
CA THR A 917 -20.33 7.43 20.90
C THR A 917 -19.28 6.34 20.84
N LYS A 918 -19.36 5.45 19.85
CA LYS A 918 -18.31 4.45 19.67
C LYS A 918 -16.98 5.11 19.32
N CYS A 919 -17.02 6.18 18.51
CA CYS A 919 -15.83 6.97 18.16
C CYS A 919 -14.81 6.15 17.38
N SER A 920 -15.27 5.22 16.55
CA SER A 920 -14.40 4.37 15.76
C SER A 920 -14.65 4.57 14.28
N ASP A 921 -13.56 4.65 13.51
CA ASP A 921 -13.70 4.81 12.07
C ASP A 921 -14.28 3.57 11.41
N HIS A 922 -14.01 2.38 11.96
CA HIS A 922 -14.65 1.18 11.45
C HIS A 922 -16.16 1.21 11.69
N VAL A 923 -16.58 1.60 12.89
CA VAL A 923 -18.00 1.74 13.16
C VAL A 923 -18.59 2.85 12.31
N ALA A 924 -17.81 3.91 12.09
CA ALA A 924 -18.25 4.98 11.19
C ALA A 924 -18.48 4.45 9.79
N MET A 925 -17.56 3.61 9.30
CA MET A 925 -17.71 3.04 7.97
C MET A 925 -18.94 2.14 7.89
N ILE A 926 -19.16 1.35 8.94
CA ILE A 926 -20.32 0.44 8.95
C ILE A 926 -21.62 1.24 8.90
N VAL A 927 -21.72 2.27 9.74
CA VAL A 927 -22.95 3.06 9.75
C VAL A 927 -23.09 3.87 8.47
N ALA A 928 -21.96 4.30 7.89
CA ALA A 928 -22.02 4.99 6.60
C ALA A 928 -22.53 4.06 5.52
N SER A 929 -22.06 2.81 5.52
CA SER A 929 -22.55 1.83 4.55
C SER A 929 -24.05 1.59 4.74
N GLN A 930 -24.49 1.48 5.99
CA GLN A 930 -25.90 1.28 6.27
C GLN A 930 -26.75 2.43 5.72
N MET A 931 -26.33 3.66 6.02
CA MET A 931 -27.10 4.81 5.54
C MET A 931 -27.01 4.95 4.03
N TRP A 932 -25.85 4.62 3.45
CA TRP A 932 -25.71 4.69 2.00
C TRP A 932 -26.62 3.68 1.32
N ARG A 933 -26.73 2.46 1.85
CA ARG A 933 -27.59 1.49 1.20
C ARG A 933 -29.06 1.82 1.39
N ARG A 934 -29.43 2.32 2.57
CA ARG A 934 -30.83 2.72 2.73
C ARG A 934 -31.17 3.93 1.86
N GLU A 935 -30.18 4.78 1.55
CA GLU A 935 -30.43 5.89 0.62
C GLU A 935 -30.44 5.40 -0.83
N LYS A 936 -29.56 4.46 -1.18
CA LYS A 936 -29.55 3.86 -2.50
C LYS A 936 -30.84 3.09 -2.77
N GLN A 937 -31.55 2.71 -1.72
CA GLN A 937 -32.92 2.23 -1.91
C GLN A 937 -33.78 3.28 -2.60
N ARG A 938 -33.42 4.55 -2.48
CA ARG A 938 -34.02 5.64 -3.24
C ARG A 938 -33.09 6.02 -4.39
N GLY A 939 -33.44 7.11 -5.09
CA GLY A 939 -32.68 7.54 -6.24
C GLY A 939 -31.30 8.07 -5.87
N GLU A 940 -30.40 8.03 -6.85
CA GLU A 940 -29.03 8.50 -6.68
C GLU A 940 -28.85 9.98 -6.99
N HIS A 941 -29.83 10.61 -7.64
CA HIS A 941 -29.68 12.01 -8.03
C HIS A 941 -29.49 12.90 -6.81
N MET A 942 -30.28 12.66 -5.76
CA MET A 942 -30.05 13.37 -4.50
C MET A 942 -29.07 12.65 -3.60
N GLU A 943 -28.87 11.34 -3.82
CA GLU A 943 -27.94 10.58 -3.00
C GLU A 943 -26.52 11.09 -3.19
N ALA A 944 -26.16 11.48 -4.42
CA ALA A 944 -24.83 12.00 -4.66
C ALA A 944 -24.56 13.25 -3.84
N ARG A 945 -25.49 14.21 -3.86
CA ARG A 945 -25.30 15.43 -3.10
C ARG A 945 -25.41 15.18 -1.60
N PHE A 946 -26.20 14.19 -1.18
CA PHE A 946 -26.25 13.84 0.23
C PHE A 946 -24.91 13.27 0.70
N CYS A 947 -24.32 12.38 -0.10
CA CYS A 947 -23.01 11.82 0.24
C CYS A 947 -21.96 12.91 0.26
N ASP A 948 -22.02 13.85 -0.69
CA ASP A 948 -21.11 14.98 -0.68
C ASP A 948 -21.29 15.80 0.60
N TRP A 949 -22.55 16.03 0.99
CA TRP A 949 -22.82 16.74 2.24
C TRP A 949 -22.30 15.96 3.44
N LYS A 950 -22.46 14.64 3.45
CA LYS A 950 -21.97 13.81 4.53
C LYS A 950 -20.50 13.46 4.38
N GLY A 951 -19.80 14.07 3.43
CA GLY A 951 -18.39 13.81 3.23
C GLY A 951 -18.08 12.39 2.83
N LEU A 952 -18.99 11.74 2.10
CA LEU A 952 -18.79 10.37 1.67
C LEU A 952 -18.00 10.33 0.37
N GLN A 953 -17.22 9.26 0.23
CA GLN A 953 -16.30 9.09 -0.90
C GLN A 953 -17.02 8.46 -2.09
N MET A 954 -18.26 8.03 -1.88
CA MET A 954 -19.10 7.50 -2.95
C MET A 954 -18.47 6.30 -3.64
N SER A 955 -17.38 6.52 -4.37
CA SER A 955 -16.73 5.42 -5.09
C SER A 955 -16.19 4.37 -4.12
N THR A 956 -15.57 4.81 -3.03
CA THR A 956 -15.08 3.86 -2.04
C THR A 956 -16.23 3.07 -1.43
N MET A 957 -17.36 3.73 -1.16
CA MET A 957 -18.52 3.03 -0.64
C MET A 957 -19.04 2.00 -1.64
N ASN A 958 -19.08 2.35 -2.92
CA ASN A 958 -19.50 1.40 -3.94
C ASN A 958 -18.57 0.20 -3.97
N VAL A 959 -17.27 0.44 -3.87
CA VAL A 959 -16.31 -0.66 -3.85
C VAL A 959 -16.55 -1.56 -2.65
N ILE A 960 -16.76 -0.95 -1.48
CA ILE A 960 -16.97 -1.75 -0.26
C ILE A 960 -18.24 -2.58 -0.38
N TRP A 961 -19.32 -1.97 -0.89
CA TRP A 961 -20.57 -2.68 -1.04
C TRP A 961 -20.44 -3.84 -2.00
N ASP A 962 -19.78 -3.62 -3.13
CA ASP A 962 -19.59 -4.70 -4.10
C ASP A 962 -18.74 -5.82 -3.53
N ALA A 963 -17.70 -5.46 -2.77
CA ALA A 963 -16.86 -6.48 -2.16
C ALA A 963 -17.64 -7.27 -1.12
N LYS A 964 -18.48 -6.60 -0.34
CA LYS A 964 -19.31 -7.32 0.63
C LYS A 964 -20.25 -8.29 -0.07
N GLN A 965 -20.88 -7.83 -1.16
CA GLN A 965 -21.77 -8.71 -1.91
C GLN A 965 -21.02 -9.92 -2.45
N GLN A 966 -19.84 -9.70 -3.02
CA GLN A 966 -19.07 -10.82 -3.57
C GLN A 966 -18.63 -11.78 -2.47
N LEU A 967 -18.20 -11.25 -1.32
CA LEU A 967 -17.77 -12.11 -0.23
C LEU A 967 -18.93 -12.94 0.30
N LEU A 968 -20.11 -12.35 0.44
CA LEU A 968 -21.26 -13.11 0.92
C LEU A 968 -21.69 -14.14 -0.11
N ASP A 969 -21.61 -13.81 -1.40
CA ASP A 969 -21.89 -14.80 -2.43
C ASP A 969 -20.92 -15.96 -2.37
N LEU A 970 -19.64 -15.66 -2.16
CA LEU A 970 -18.63 -16.72 -2.05
C LEU A 970 -18.90 -17.59 -0.84
N LEU A 971 -19.28 -16.97 0.28
CA LEU A 971 -19.61 -17.75 1.47
C LEU A 971 -20.84 -18.63 1.25
N GLN A 972 -21.84 -18.11 0.54
CA GLN A 972 -22.99 -18.92 0.18
C GLN A 972 -22.56 -20.12 -0.66
N GLN A 973 -21.70 -19.89 -1.65
CA GLN A 973 -21.19 -21.00 -2.46
C GLN A 973 -20.39 -21.98 -1.62
N ALA A 974 -19.72 -21.50 -0.57
CA ALA A 974 -18.95 -22.39 0.29
C ALA A 974 -19.86 -23.35 1.05
N GLY A 975 -21.05 -22.90 1.43
CA GLY A 975 -22.01 -23.77 2.08
C GLY A 975 -22.62 -23.19 3.35
N PHE A 976 -22.12 -22.05 3.79
CA PHE A 976 -22.64 -21.46 5.02
C PHE A 976 -24.05 -20.93 4.80
N PRO A 977 -24.94 -21.08 5.77
CA PRO A 977 -26.35 -20.73 5.56
C PRO A 977 -26.56 -19.24 5.33
N GLU A 978 -27.63 -18.93 4.59
CA GLU A 978 -27.99 -17.55 4.30
C GLU A 978 -28.56 -16.82 5.51
N GLU A 979 -29.10 -17.56 6.49
CA GLU A 979 -29.81 -16.92 7.60
C GLU A 979 -28.88 -16.00 8.40
N CYS A 980 -27.66 -16.45 8.67
CA CYS A 980 -26.71 -15.61 9.40
C CYS A 980 -26.23 -14.42 8.57
N MET A 981 -26.30 -14.50 7.24
CA MET A 981 -25.86 -13.42 6.37
C MET A 981 -26.92 -12.33 6.24
N ILE A 982 -27.41 -11.84 7.38
CA ILE A 982 -28.46 -10.84 7.40
C ILE A 982 -27.91 -9.57 8.02
N SER A 983 -28.63 -8.46 7.81
CA SER A 983 -28.22 -7.19 8.37
C SER A 983 -28.23 -7.24 9.89
N HIS A 984 -27.15 -6.75 10.48
CA HIS A 984 -27.02 -6.69 11.94
C HIS A 984 -26.81 -5.23 12.36
N GLU A 985 -27.66 -4.34 11.85
CA GLU A 985 -27.49 -2.90 11.99
C GLU A 985 -27.01 -2.50 13.37
N VAL A 986 -25.94 -1.69 13.40
CA VAL A 986 -25.35 -1.20 14.62
C VAL A 986 -25.52 0.31 14.66
N ASP A 987 -26.05 0.82 15.77
CA ASP A 987 -26.19 2.25 15.98
C ASP A 987 -25.01 2.78 16.76
N GLU A 988 -24.67 4.04 16.49
CA GLU A 988 -23.49 4.68 17.07
C GLU A 988 -23.82 5.60 18.23
N ARG A 989 -25.05 6.11 18.30
CA ARG A 989 -25.44 7.02 19.37
C ARG A 989 -25.53 6.35 20.72
N ILE A 990 -25.63 5.02 20.77
CA ILE A 990 -25.71 4.32 22.03
C ILE A 990 -24.31 4.19 22.62
N ASP A 991 -24.15 4.67 23.86
CA ASP A 991 -22.87 4.60 24.56
C ASP A 991 -22.73 3.36 25.41
N GLY A 992 -23.75 2.49 25.44
CA GLY A 992 -23.70 1.32 26.28
C GLY A 992 -22.99 0.15 25.64
N ASP A 993 -23.69 -0.97 25.50
CA ASP A 993 -23.12 -2.17 24.91
C ASP A 993 -24.06 -2.73 23.85
N ASP A 994 -23.47 -3.37 22.85
CA ASP A 994 -24.21 -4.03 21.79
C ASP A 994 -23.43 -5.26 21.37
N PRO A 995 -23.94 -6.47 21.59
CA PRO A 995 -23.12 -7.68 21.36
C PRO A 995 -22.59 -7.79 19.94
N VAL A 996 -23.38 -7.42 18.94
CA VAL A 996 -22.94 -7.55 17.55
C VAL A 996 -21.71 -6.69 17.31
N LEU A 997 -21.77 -5.41 17.71
CA LEU A 997 -20.67 -4.51 17.43
C LEU A 997 -19.42 -4.90 18.20
N ASP A 998 -19.55 -5.30 19.46
CA ASP A 998 -18.36 -5.64 20.22
C ASP A 998 -17.74 -6.94 19.73
N VAL A 999 -18.55 -7.92 19.32
CA VAL A 999 -17.95 -9.12 18.76
C VAL A 999 -17.30 -8.81 17.41
N SER A 1000 -17.88 -7.88 16.64
CA SER A 1000 -17.25 -7.47 15.38
C SER A 1000 -15.88 -6.82 15.64
N LEU A 1001 -15.81 -5.95 16.64
CA LEU A 1001 -14.53 -5.32 16.96
C LEU A 1001 -13.52 -6.32 17.50
N ALA A 1002 -13.99 -7.31 18.28
CA ALA A 1002 -13.09 -8.36 18.74
C ALA A 1002 -12.53 -9.16 17.57
N LEU A 1003 -13.37 -9.49 16.60
CA LEU A 1003 -12.88 -10.18 15.41
C LEU A 1003 -11.90 -9.30 14.63
N LEU A 1004 -12.20 -8.00 14.53
CA LEU A 1004 -11.28 -7.06 13.89
C LEU A 1004 -9.90 -7.14 14.53
N CYS A 1005 -9.87 -7.07 15.87
CA CYS A 1005 -8.60 -7.16 16.58
C CYS A 1005 -7.94 -8.51 16.38
N LEU A 1006 -8.72 -9.56 16.19
CA LEU A 1006 -8.16 -10.86 15.83
C LEU A 1006 -7.45 -10.82 14.49
N GLY A 1007 -8.07 -10.17 13.51
CA GLY A 1007 -7.56 -10.25 12.16
C GLY A 1007 -6.29 -9.46 11.94
N LEU A 1008 -6.34 -8.15 12.19
CA LEU A 1008 -5.27 -7.24 11.79
C LEU A 1008 -4.05 -7.30 12.71
N TYR A 1009 -3.93 -8.33 13.53
CA TYR A 1009 -2.76 -8.47 14.39
C TYR A 1009 -1.51 -8.55 13.52
N PRO A 1010 -0.38 -7.97 13.95
CA PRO A 1010 -0.17 -7.17 15.17
C PRO A 1010 -0.20 -5.65 14.95
N ASN A 1011 -1.23 -5.14 14.28
CA ASN A 1011 -1.35 -3.72 14.00
C ASN A 1011 -2.04 -2.95 15.11
N ILE A 1012 -1.93 -3.41 16.36
CA ILE A 1012 -2.47 -2.71 17.50
C ILE A 1012 -1.46 -1.67 17.98
N CYS A 1013 -1.93 -0.76 18.85
CA CYS A 1013 -1.06 0.26 19.40
C CYS A 1013 -1.63 0.72 20.75
N VAL A 1014 -0.75 1.31 21.57
CA VAL A 1014 -1.12 1.86 22.86
C VAL A 1014 -1.06 3.38 22.78
N HIS A 1015 -2.13 4.04 23.19
CA HIS A 1015 -2.23 5.49 23.14
C HIS A 1015 -1.63 6.10 24.41
N LYS A 1016 -0.71 7.04 24.23
CA LYS A 1016 -0.12 7.77 25.36
C LYS A 1016 -0.77 9.15 25.52
N GLU A 1017 -0.70 9.99 24.50
CA GLU A 1017 -1.32 11.31 24.56
C GLU A 1017 -1.40 11.95 23.19
N LYS A 1018 -2.59 12.44 22.83
CA LYS A 1018 -2.81 13.07 21.53
C LYS A 1018 -2.37 12.17 20.39
N ARG A 1019 -1.70 12.74 19.39
CA ARG A 1019 -1.17 11.92 18.31
C ARG A 1019 -0.15 10.91 18.82
N LYS A 1020 0.57 11.26 19.88
CA LYS A 1020 1.64 10.41 20.40
C LYS A 1020 1.09 9.09 20.93
N VAL A 1021 1.37 8.01 20.20
CA VAL A 1021 0.97 6.66 20.58
C VAL A 1021 2.19 5.75 20.50
N LEU A 1022 2.11 4.64 21.20
CA LEU A 1022 3.21 3.69 21.27
C LEU A 1022 2.87 2.45 20.45
N THR A 1023 3.89 1.88 19.80
CA THR A 1023 3.76 0.67 19.02
C THR A 1023 4.80 -0.34 19.49
N THR A 1024 4.59 -1.59 19.11
CA THR A 1024 5.44 -2.70 19.52
C THR A 1024 6.92 -2.36 19.36
N GLU A 1025 7.73 -2.87 20.28
CA GLU A 1025 9.14 -2.50 20.44
C GLU A 1025 9.30 -1.05 20.86
N SER A 1026 8.25 -0.46 21.43
CA SER A 1026 8.29 0.90 21.99
C SER A 1026 8.71 1.92 20.92
N LYS A 1027 7.87 2.05 19.91
CA LYS A 1027 8.11 2.98 18.81
C LYS A 1027 7.05 4.07 18.83
N ALA A 1028 7.50 5.32 18.74
CA ALA A 1028 6.58 6.45 18.73
C ALA A 1028 5.87 6.55 17.39
N ALA A 1029 4.59 6.91 17.43
CA ALA A 1029 3.81 7.03 16.22
C ALA A 1029 2.74 8.09 16.40
N LEU A 1030 2.19 8.56 15.29
CA LEU A 1030 1.13 9.54 15.30
C LEU A 1030 -0.11 8.95 14.62
N LEU A 1031 -1.20 9.72 14.64
CA LEU A 1031 -2.47 9.32 14.05
C LEU A 1031 -2.66 10.06 12.73
N HIS A 1032 -3.08 9.32 11.71
CA HIS A 1032 -3.24 9.91 10.38
C HIS A 1032 -4.37 10.93 10.38
N LYS A 1033 -4.27 11.88 9.46
CA LYS A 1033 -5.24 12.97 9.39
C LYS A 1033 -6.64 12.47 9.09
N THR A 1034 -6.77 11.46 8.23
CA THR A 1034 -8.08 10.97 7.84
C THR A 1034 -8.82 10.33 9.01
N SER A 1035 -8.11 9.88 10.03
CA SER A 1035 -8.73 9.15 11.13
C SER A 1035 -9.73 10.03 11.86
N VAL A 1036 -10.77 9.39 12.40
CA VAL A 1036 -11.79 10.10 13.17
C VAL A 1036 -11.26 10.55 14.53
N ASN A 1037 -10.13 10.00 14.98
CA ASN A 1037 -9.54 10.37 16.25
C ASN A 1037 -8.52 11.49 16.12
N CYS A 1038 -8.68 12.37 15.13
CA CYS A 1038 -7.79 13.51 14.94
C CYS A 1038 -8.46 14.76 15.50
N SER A 1039 -7.70 15.53 16.28
CA SER A 1039 -8.18 16.77 16.88
C SER A 1039 -6.98 17.57 17.33
N ASN A 1040 -7.24 18.63 18.10
CA ASN A 1040 -6.18 19.44 18.70
C ASN A 1040 -6.23 19.47 20.21
N LEU A 1041 -7.41 19.39 20.80
CA LEU A 1041 -7.54 19.33 22.25
C LEU A 1041 -7.10 17.97 22.76
N ALA A 1042 -6.76 17.92 24.05
CA ALA A 1042 -6.30 16.71 24.70
C ALA A 1042 -7.52 15.95 25.25
N VAL A 1043 -7.74 14.74 24.74
CA VAL A 1043 -8.88 13.92 25.14
C VAL A 1043 -8.36 12.55 25.54
N THR A 1044 -8.91 12.00 26.62
CA THR A 1044 -8.61 10.64 27.04
C THR A 1044 -9.80 9.74 26.70
N PHE A 1045 -9.53 8.62 26.04
CA PHE A 1045 -10.55 7.71 25.55
C PHE A 1045 -11.03 6.77 26.65
N PRO A 1046 -12.25 6.24 26.52
CA PRO A 1046 -12.73 5.28 27.54
C PRO A 1046 -11.83 4.08 27.71
N TYR A 1047 -11.20 3.62 26.63
CA TYR A 1047 -10.31 2.47 26.70
C TYR A 1047 -8.99 2.83 26.04
N PRO A 1048 -7.86 2.59 26.69
CA PRO A 1048 -6.57 3.04 26.16
C PRO A 1048 -5.86 1.98 25.32
N PHE A 1049 -6.57 1.46 24.32
CA PHE A 1049 -5.99 0.46 23.44
C PHE A 1049 -6.60 0.61 22.05
N PHE A 1050 -5.76 0.70 21.03
CA PHE A 1050 -6.21 0.91 19.67
C PHE A 1050 -5.51 -0.05 18.71
N VAL A 1051 -6.21 -0.41 17.64
CA VAL A 1051 -5.68 -1.25 16.58
C VAL A 1051 -5.88 -0.53 15.26
N PHE A 1052 -4.80 -0.36 14.50
CA PHE A 1052 -4.82 0.38 13.25
C PHE A 1052 -4.77 -0.57 12.06
N GLY A 1053 -4.96 0.00 10.88
CA GLY A 1053 -4.92 -0.78 9.67
C GLY A 1053 -3.58 -0.80 8.98
N GLU A 1054 -3.00 0.38 8.75
CA GLU A 1054 -1.76 0.47 7.99
C GLU A 1054 -0.74 1.33 8.72
N LYS A 1055 0.54 1.02 8.50
CA LYS A 1055 1.65 1.82 9.02
C LYS A 1055 2.20 2.66 7.87
N ILE A 1056 1.63 3.84 7.71
CA ILE A 1056 2.02 4.75 6.65
C ILE A 1056 3.26 5.52 7.08
N ARG A 1057 4.11 5.82 6.09
CA ARG A 1057 5.41 6.47 6.23
C ARG A 1057 6.42 5.49 6.82
N THR A 1058 7.66 5.53 6.30
CA THR A 1058 8.61 4.47 6.57
C THR A 1058 8.98 4.38 8.05
N ARG A 1059 9.19 5.52 8.70
CA ARG A 1059 9.73 5.52 10.06
C ARG A 1059 8.64 5.32 11.11
N ALA A 1060 7.79 4.34 10.88
CA ALA A 1060 6.76 3.88 11.82
C ALA A 1060 6.12 5.02 12.60
N VAL A 1061 5.60 5.99 11.84
CA VAL A 1061 5.01 7.20 12.42
C VAL A 1061 3.51 7.28 12.16
N SER A 1062 3.08 7.17 10.91
CA SER A 1062 1.67 7.34 10.60
C SER A 1062 0.95 6.01 10.79
N CYS A 1063 -0.17 6.05 11.51
CA CYS A 1063 -1.04 4.88 11.66
C CYS A 1063 -2.41 5.21 11.11
N LYS A 1064 -2.99 4.28 10.37
CA LYS A 1064 -4.26 4.49 9.72
C LYS A 1064 -5.22 3.35 10.04
N GLN A 1065 -6.52 3.69 10.06
CA GLN A 1065 -7.63 2.80 10.44
C GLN A 1065 -7.58 2.44 11.94
N LEU A 1066 -7.54 3.48 12.77
CA LEU A 1066 -7.56 3.29 14.21
C LEU A 1066 -8.98 3.10 14.73
N SER A 1067 -9.17 2.11 15.60
CA SER A 1067 -10.46 1.91 16.25
C SER A 1067 -10.22 1.36 17.64
N MET A 1068 -10.91 1.92 18.63
CA MET A 1068 -10.72 1.48 20.01
C MET A 1068 -11.11 0.03 20.17
N VAL A 1069 -10.36 -0.68 21.01
CA VAL A 1069 -10.57 -2.11 21.25
C VAL A 1069 -10.75 -2.31 22.74
N SER A 1070 -11.49 -3.37 23.07
CA SER A 1070 -11.73 -3.70 24.47
CA SER A 1070 -11.74 -3.70 24.47
C SER A 1070 -10.43 -4.14 25.13
N PRO A 1071 -10.23 -3.78 26.40
CA PRO A 1071 -9.03 -4.19 27.13
C PRO A 1071 -8.98 -5.68 27.45
N LEU A 1072 -10.00 -6.44 27.09
CA LEU A 1072 -10.09 -7.86 27.41
C LEU A 1072 -9.55 -8.76 26.30
N GLN A 1073 -8.98 -8.19 25.23
CA GLN A 1073 -8.39 -9.01 24.19
C GLN A 1073 -7.35 -9.95 24.76
N VAL A 1074 -6.28 -9.38 25.33
CA VAL A 1074 -5.26 -10.12 26.08
C VAL A 1074 -4.78 -11.30 25.26
N ILE A 1075 -5.50 -12.42 25.36
CA ILE A 1075 -5.12 -13.65 24.68
C ILE A 1075 -6.25 -14.07 23.75
N LEU A 1076 -7.44 -13.51 23.95
CA LEU A 1076 -8.57 -13.87 23.10
C LEU A 1076 -8.30 -13.50 21.65
N PHE A 1077 -8.27 -12.20 21.35
CA PHE A 1077 -7.86 -11.69 20.04
C PHE A 1077 -6.86 -10.55 20.27
N GLY A 1078 -5.60 -10.89 20.56
CA GLY A 1078 -4.60 -9.84 20.62
C GLY A 1078 -3.21 -10.22 20.18
N SER A 1079 -3.00 -11.49 19.85
CA SER A 1079 -1.64 -11.97 19.60
C SER A 1079 -1.63 -13.43 19.18
N ARG A 1080 -0.48 -13.90 18.73
CA ARG A 1080 -0.21 -15.32 18.57
C ARG A 1080 0.61 -15.88 19.71
N LYS A 1081 0.87 -15.09 20.75
CA LYS A 1081 1.68 -15.52 21.88
C LYS A 1081 1.35 -14.66 23.08
N ILE A 1082 1.34 -15.28 24.26
CA ILE A 1082 1.13 -14.58 25.52
C ILE A 1082 2.17 -15.10 26.51
N ASP A 1083 2.61 -14.22 27.40
CA ASP A 1083 3.65 -14.57 28.36
C ASP A 1083 3.25 -14.09 29.75
N LEU A 1084 4.03 -14.48 30.74
CA LEU A 1084 3.85 -14.03 32.12
C LEU A 1084 5.12 -13.36 32.60
N ALA A 1085 5.00 -12.14 33.09
CA ALA A 1085 6.12 -11.36 33.57
C ALA A 1085 6.14 -11.36 35.09
N ALA A 1086 7.08 -10.60 35.66
CA ALA A 1086 7.25 -10.54 37.10
C ALA A 1086 6.12 -9.73 37.73
N ASN A 1087 6.08 -9.74 39.07
CA ASN A 1087 5.10 -9.05 39.90
C ASN A 1087 3.68 -9.20 39.35
N ASN A 1088 3.34 -10.40 38.87
CA ASN A 1088 2.01 -10.71 38.36
C ASN A 1088 1.65 -9.79 37.19
N ILE A 1089 2.43 -9.90 36.12
CA ILE A 1089 2.20 -9.12 34.91
C ILE A 1089 2.07 -10.08 33.74
N VAL A 1090 0.96 -10.00 33.02
CA VAL A 1090 0.76 -10.73 31.78
C VAL A 1090 1.31 -9.89 30.63
N ARG A 1091 2.10 -10.52 29.76
CA ARG A 1091 2.83 -9.86 28.71
C ARG A 1091 2.20 -10.19 27.37
N VAL A 1092 1.80 -9.16 26.64
CA VAL A 1092 1.18 -9.28 25.33
C VAL A 1092 2.12 -8.70 24.30
N ASP A 1093 2.49 -9.50 23.30
CA ASP A 1093 3.38 -9.09 22.22
C ASP A 1093 4.72 -8.56 22.73
N ASN A 1094 5.11 -8.95 23.94
CA ASN A 1094 6.33 -8.52 24.59
C ASN A 1094 6.45 -7.01 24.72
N TRP A 1095 5.35 -6.27 24.55
CA TRP A 1095 5.39 -4.83 24.75
C TRP A 1095 4.13 -4.31 25.45
N LEU A 1096 3.29 -5.19 25.98
CA LEU A 1096 2.05 -4.79 26.63
C LEU A 1096 1.93 -5.50 27.97
N ASN A 1097 1.51 -4.77 29.00
CA ASN A 1097 1.45 -5.30 30.36
C ASN A 1097 0.04 -5.24 30.91
N PHE A 1098 -0.39 -6.36 31.51
CA PHE A 1098 -1.61 -6.42 32.29
C PHE A 1098 -1.27 -6.99 33.66
N ASP A 1099 -2.17 -6.82 34.62
CA ASP A 1099 -1.92 -7.24 36.00
C ASP A 1099 -3.01 -8.22 36.43
N ILE A 1100 -2.82 -9.51 36.14
CA ILE A 1100 -3.86 -10.51 36.38
C ILE A 1100 -3.24 -11.79 36.92
N GLU A 1101 -4.03 -12.47 37.76
CA GLU A 1101 -3.58 -13.71 38.40
C GLU A 1101 -3.22 -14.75 37.34
N PRO A 1102 -2.15 -15.52 37.56
CA PRO A 1102 -1.78 -16.55 36.57
C PRO A 1102 -2.87 -17.56 36.29
N GLU A 1103 -3.71 -17.88 37.27
CA GLU A 1103 -4.84 -18.77 37.00
C GLU A 1103 -5.77 -18.17 35.97
N LEU A 1104 -6.12 -16.89 36.14
CA LEU A 1104 -6.96 -16.20 35.18
C LEU A 1104 -6.28 -16.08 33.82
N ALA A 1105 -4.97 -15.84 33.80
CA ALA A 1105 -4.25 -15.77 32.54
C ALA A 1105 -4.30 -17.11 31.80
N ALA A 1106 -4.11 -18.21 32.53
CA ALA A 1106 -4.17 -19.53 31.91
C ALA A 1106 -5.58 -19.83 31.42
N LYS A 1107 -6.60 -19.43 32.19
CA LYS A 1107 -7.98 -19.62 31.75
C LYS A 1107 -8.25 -18.86 30.46
N ILE A 1108 -7.77 -17.62 30.37
CA ILE A 1108 -7.97 -16.85 29.14
C ILE A 1108 -7.21 -17.48 27.98
N GLY A 1109 -5.97 -17.92 28.23
CA GLY A 1109 -5.14 -18.48 27.17
C GLY A 1109 -5.58 -19.84 26.67
N ALA A 1110 -6.32 -20.58 27.50
CA ALA A 1110 -6.83 -21.87 27.06
C ALA A 1110 -7.74 -21.74 25.84
N LEU A 1111 -8.29 -20.55 25.60
CA LEU A 1111 -9.13 -20.32 24.43
C LEU A 1111 -8.37 -20.37 23.12
N LYS A 1112 -7.03 -20.31 23.15
CA LYS A 1112 -6.27 -20.26 21.91
C LYS A 1112 -6.51 -21.46 21.01
N PRO A 1113 -6.36 -22.71 21.46
CA PRO A 1113 -6.68 -23.83 20.57
C PRO A 1113 -8.15 -23.90 20.21
N ALA A 1114 -9.03 -23.39 21.08
CA ALA A 1114 -10.47 -23.46 20.82
C ALA A 1114 -10.85 -22.67 19.59
N LEU A 1115 -10.21 -21.52 19.38
CA LEU A 1115 -10.52 -20.70 18.21
C LEU A 1115 -10.19 -21.47 16.93
N GLU A 1116 -9.01 -22.10 16.88
CA GLU A 1116 -8.64 -22.87 15.70
C GLU A 1116 -9.56 -24.06 15.51
N ASP A 1117 -9.95 -24.72 16.60
CA ASP A 1117 -10.86 -25.86 16.50
C ASP A 1117 -12.21 -25.42 15.94
N LEU A 1118 -12.72 -24.28 16.41
CA LEU A 1118 -13.98 -23.76 15.90
C LEU A 1118 -13.87 -23.40 14.42
N ILE A 1119 -12.75 -22.80 14.02
CA ILE A 1119 -12.56 -22.47 12.61
C ILE A 1119 -12.55 -23.74 11.77
N THR A 1120 -11.84 -24.77 12.23
CA THR A 1120 -11.77 -26.02 11.49
C THR A 1120 -13.13 -26.67 11.37
N VAL A 1121 -13.91 -26.67 12.45
CA VAL A 1121 -15.24 -27.28 12.42
C VAL A 1121 -16.16 -26.49 11.50
N ALA A 1122 -16.07 -25.16 11.54
CA ALA A 1122 -16.89 -24.34 10.65
C ALA A 1122 -16.56 -24.60 9.19
N CYS A 1123 -15.28 -24.76 8.88
CA CYS A 1123 -14.90 -25.04 7.50
C CYS A 1123 -15.33 -26.45 7.07
N ASP A 1124 -15.23 -27.43 7.98
CA ASP A 1124 -15.54 -28.80 7.62
C ASP A 1124 -17.01 -28.97 7.26
N ASN A 1125 -17.90 -28.34 8.02
CA ASN A 1125 -19.35 -28.51 7.84
C ASN A 1125 -20.01 -27.14 7.72
N PRO A 1126 -19.81 -26.46 6.59
CA PRO A 1126 -20.40 -25.11 6.44
C PRO A 1126 -21.91 -25.09 6.47
N SER A 1127 -22.57 -26.21 6.17
CA SER A 1127 -24.03 -26.19 6.05
C SER A 1127 -24.72 -25.95 7.38
N ASP A 1128 -24.07 -26.29 8.50
CA ASP A 1128 -24.68 -26.22 9.81
C ASP A 1128 -23.80 -25.46 10.80
N ILE A 1129 -23.30 -24.30 10.40
CA ILE A 1129 -22.53 -23.49 11.34
C ILE A 1129 -23.44 -22.89 12.42
N LEU A 1130 -24.67 -22.53 12.06
CA LEU A 1130 -25.60 -22.01 13.05
C LEU A 1130 -25.95 -23.05 14.11
N ARG A 1131 -26.18 -24.30 13.70
CA ARG A 1131 -26.51 -25.39 14.62
C ARG A 1131 -25.20 -26.12 14.94
N LEU A 1132 -24.55 -25.71 16.02
CA LEU A 1132 -23.28 -26.30 16.40
C LEU A 1132 -23.47 -27.39 17.45
N GLU A 1133 -22.36 -28.03 17.79
CA GLU A 1133 -22.33 -28.91 18.95
C GLU A 1133 -22.56 -28.09 20.21
N GLU A 1134 -23.21 -28.69 21.20
CA GLU A 1134 -23.58 -27.95 22.41
C GLU A 1134 -22.40 -27.31 23.11
N PRO A 1135 -21.24 -27.95 23.29
CA PRO A 1135 -20.06 -27.22 23.76
C PRO A 1135 -19.69 -26.06 22.87
N TYR A 1136 -19.86 -26.17 21.55
CA TYR A 1136 -19.54 -25.06 20.67
C TYR A 1136 -20.59 -23.96 20.76
N ALA A 1137 -21.86 -24.30 20.97
CA ALA A 1137 -22.85 -23.26 21.26
C ALA A 1137 -22.49 -22.52 22.54
N GLN A 1138 -22.05 -23.24 23.56
CA GLN A 1138 -21.61 -22.60 24.80
C GLN A 1138 -20.39 -21.72 24.57
N LEU A 1139 -19.46 -22.18 23.72
CA LEU A 1139 -18.29 -21.36 23.37
C LEU A 1139 -18.72 -20.07 22.69
N VAL A 1140 -19.65 -20.15 21.75
CA VAL A 1140 -20.14 -18.96 21.07
C VAL A 1140 -20.78 -18.01 22.09
N LYS A 1141 -21.59 -18.55 22.99
CA LYS A 1141 -22.23 -17.73 24.00
C LYS A 1141 -21.19 -17.04 24.89
N VAL A 1142 -20.19 -17.79 25.35
CA VAL A 1142 -19.22 -17.22 26.28
C VAL A 1142 -18.34 -16.20 25.58
N VAL A 1143 -18.06 -16.40 24.28
CA VAL A 1143 -17.24 -15.43 23.58
C VAL A 1143 -18.03 -14.17 23.28
N LYS A 1144 -19.33 -14.29 23.02
CA LYS A 1144 -20.15 -13.09 22.90
C LYS A 1144 -20.22 -12.34 24.23
N ASP A 1145 -20.32 -13.08 25.34
CA ASP A 1145 -20.36 -12.45 26.65
C ASP A 1145 -19.05 -11.75 26.97
N LEU A 1146 -17.93 -12.37 26.63
CA LEU A 1146 -16.63 -11.87 27.09
C LEU A 1146 -16.23 -10.59 26.37
N CYS A 1147 -16.43 -10.53 25.06
CA CYS A 1147 -15.96 -9.40 24.28
C CYS A 1147 -16.86 -8.18 24.37
N VAL A 1148 -17.81 -8.15 25.30
CA VAL A 1148 -18.67 -6.98 25.45
C VAL A 1148 -17.83 -5.78 25.84
N LYS A 1149 -18.18 -4.61 25.27
CA LYS A 1149 -17.36 -3.42 25.46
C LYS A 1149 -17.17 -3.11 26.94
N SER A 1150 -18.27 -3.01 27.69
CA SER A 1150 -18.21 -2.72 29.12
C SER A 1150 -18.34 -4.03 29.87
N ALA A 1151 -17.26 -4.80 29.87
CA ALA A 1151 -17.24 -6.08 30.58
C ALA A 1151 -16.13 -6.23 31.58
N GLY A 1152 -14.90 -5.83 31.27
CA GLY A 1152 -13.79 -6.08 32.16
C GLY A 1152 -13.60 -5.02 33.24
N ASP A 1153 -14.68 -4.61 33.88
CA ASP A 1153 -14.64 -3.53 34.85
C ASP A 1153 -15.37 -3.88 36.16
N PHE A 1154 -15.87 -5.10 36.30
CA PHE A 1154 -16.61 -5.46 37.50
C PHE A 1154 -15.68 -5.53 38.71
N GLY A 1155 -16.26 -5.35 39.88
CA GLY A 1155 -15.47 -5.33 41.12
C GLY A 1155 -14.81 -4.00 41.39
N LEU A 1156 -14.13 -3.43 40.40
CA LEU A 1156 -13.55 -2.10 40.54
C LEU A 1156 -13.53 -1.45 39.16
N GLN A 1157 -14.27 -0.34 39.03
CA GLN A 1157 -14.28 0.40 37.77
C GLN A 1157 -12.92 0.95 37.41
N ARG A 1158 -12.07 1.19 38.40
CA ARG A 1158 -10.73 1.72 38.15
C ARG A 1158 -9.87 0.74 37.36
#